data_6MU5
#
_entry.id   6MU5
#
_cell.length_a   87.390
_cell.length_b   93.280
_cell.length_c   103.750
_cell.angle_alpha   90.00
_cell.angle_beta   90.00
_cell.angle_gamma   90.00
#
_symmetry.space_group_name_H-M   'P 21 21 21'
#
loop_
_entity.id
_entity.type
_entity.pdbx_description
1 polymer "DNA (5'-D(P*GP*CP*GP*AP*TP*CP*AP*CP*GP*T)-3')"
2 polymer 'DNA polymerase I'
3 polymer "TNA (5'-D(P*(TG)P*(TFT)P*(FA2)P*(TC)P*(TG)P*(TFT)P*(TG)P*(FA2)P*(TFT)P*(TC)P*(TG)P*(TC)P*(FA2))-3')"
4 non-polymer 'SULFATE ION'
5 water water
#
loop_
_entity_poly.entity_id
_entity_poly.type
_entity_poly.pdbx_seq_one_letter_code
_entity_poly.pdbx_strand_id
1 'polydeoxyribonucleotide' (DG)(DC)(DG)(DA)(DT)(DC)(DA)(DC)(DG)(DT) P
2 'polypeptide(L)'
;AKMAFTLADRVTEEMLADKAALVVEVVEENYHDAPIVGIAVVNEHGRFFLRPETALADPQFVAWLGDETKKKSMFDSKRA
AVALKWKGIELCGVSFDLLLAAYLLDPAQGVDDVAAAAKMKQYEAVRPDEAVYGKGAKRAVPDEPVLAEHLVRKAAAIWA
LERPFLDELRRNEQDRLLVELEQPLSSILAEMEFAGVKVDTKRLEQMGEELAEQLRTVEQRIYELAGQEFNINSPKQLGV
ILFEKLQLPVLKKTKTGYSTSADVLEKLAPYHEIVENILHYRQLGKLQSTYIEGLLKVVRPDTKKVHTIFNQALTQTGRL
SSTEPNLQNIPIRLEEGRKIRQAFVPSESDWLIFAADYSQIELRVLAHIAEDDNLMEAFRRDLDIHTKTAMDIFQVSEDE
VTPNMRRQAKAVNFGIVYGISDYGLAQNLNISRKEAAEFIERYFESFPGVKRYMENIVQEAKQKGYVTTLLHRRRYLPDI
TSRNFNVRSFAERMAMNTPIQGSAADIIKKAMIDLNARLKEERLQARLLLQVHDELILEAPKEEMERLCRLVPEVMEQAV
TLRVPLKVDYHYGSTWYDAK
;
A
3 'polydeoxyribonucleotide' (TG)(TFT)(FA2)(TC)(TG)(TFT)(TG)(FA2)(TFT)(TC)(TG)(TC)(FA2) T
#
loop_
_chem_comp.id
_chem_comp.type
_chem_comp.name
_chem_comp.formula
DA DNA linking 2'-DEOXYADENOSINE-5'-MONOPHOSPHATE 'C10 H14 N5 O6 P'
DC DNA linking 2'-DEOXYCYTIDINE-5'-MONOPHOSPHATE 'C9 H14 N3 O7 P'
DG DNA linking 2'-DEOXYGUANOSINE-5'-MONOPHOSPHATE 'C10 H14 N5 O7 P'
DT DNA linking THYMIDINE-5'-MONOPHOSPHATE 'C10 H15 N2 O8 P'
FA2 RNA linking '5-(6-AMINO-9H-PURIN-9-YL)-4-HYDROXYTETRAHYDROFURAN-3-YL DIHYDROGEN PHOSPHATE' 'C9 H12 N5 O6 P'
SO4 non-polymer 'SULFATE ION' 'O4 S -2'
TC RNA linking 4-azanyl-1-[(2~{R},3~{R},4~{S})-3-oxidanyl-4-[oxidanyl-bis(oxidanylidene)-$l^{6}-phosphanyl]oxy-oxolan-2-yl]pyrimidin-2-one 'C8 H11 N3 O7 P'
TFT DNA linking (L)-ALPHA-THREOFURANOSYL-THYMINE-3'-MONOPHOSPHATE 'C9 H13 N2 O8 P'
TG RNA linking 2-azanyl-9-[(2~{R},3~{R},4~{S})-3-oxidanyl-4-[oxidanyl-bis(oxidanylidene)-$l^{6}-phosphanyl]oxy-oxolan-2-yl]-1~{H}-purin-6-one 'C9 H11 N5 O7 P'
#
# COMPACT_ATOMS: atom_id res chain seq x y z
N MET B 3 19.46 -18.70 24.94
CA MET B 3 19.91 -19.93 24.29
C MET B 3 21.40 -20.17 24.53
N ALA B 4 21.87 -21.37 24.21
CA ALA B 4 23.29 -21.68 24.18
C ALA B 4 23.82 -21.30 22.81
N PHE B 5 24.80 -20.39 22.78
CA PHE B 5 25.26 -19.86 21.51
C PHE B 5 26.66 -19.30 21.69
N THR B 6 27.31 -19.03 20.55
CA THR B 6 28.67 -18.53 20.51
C THR B 6 28.65 -17.04 20.22
N LEU B 7 29.25 -16.25 21.12
CA LEU B 7 29.46 -14.83 20.85
C LEU B 7 30.81 -14.72 20.14
N ALA B 8 30.76 -14.62 18.81
CA ALA B 8 31.94 -14.79 17.97
C ALA B 8 32.69 -13.48 17.80
N ASP B 9 34.01 -13.55 17.95
CA ASP B 9 34.89 -12.42 17.64
C ASP B 9 35.29 -12.37 16.18
N ARG B 10 35.23 -13.50 15.48
CA ARG B 10 35.59 -13.56 14.07
C ARG B 10 34.65 -14.51 13.36
N VAL B 11 34.61 -14.39 12.04
CA VAL B 11 33.78 -15.27 11.20
C VAL B 11 34.54 -16.56 10.94
N THR B 12 33.85 -17.69 11.08
CA THR B 12 34.45 -19.00 10.84
C THR B 12 33.69 -19.72 9.72
N GLU B 13 34.32 -20.75 9.18
CA GLU B 13 33.74 -21.49 8.05
C GLU B 13 32.41 -22.14 8.40
N GLU B 14 32.24 -22.59 9.66
CA GLU B 14 30.96 -23.22 9.99
C GLU B 14 29.81 -22.23 10.10
N MET B 15 30.10 -20.93 10.11
CA MET B 15 29.06 -19.92 10.07
C MET B 15 28.52 -19.67 8.66
N LEU B 16 29.17 -20.21 7.63
CA LEU B 16 28.84 -19.94 6.25
C LEU B 16 28.28 -21.17 5.56
N ALA B 17 27.36 -21.87 6.21
CA ALA B 17 26.80 -23.10 5.67
C ALA B 17 25.84 -22.79 4.53
N ASP B 18 25.45 -23.84 3.80
CA ASP B 18 24.58 -23.73 2.63
C ASP B 18 23.15 -23.37 2.99
N LYS B 19 22.78 -23.42 4.27
CA LYS B 19 21.43 -23.10 4.71
C LYS B 19 21.51 -22.58 6.13
N ALA B 20 20.83 -21.47 6.40
CA ALA B 20 20.92 -20.84 7.71
C ALA B 20 19.71 -19.95 7.93
N ALA B 21 19.31 -19.82 9.18
CA ALA B 21 18.47 -18.69 9.59
C ALA B 21 19.39 -17.51 9.84
N LEU B 22 19.05 -16.35 9.26
CA LEU B 22 19.89 -15.16 9.37
C LEU B 22 19.08 -14.01 9.93
N VAL B 23 19.66 -13.32 10.92
CA VAL B 23 19.08 -12.12 11.51
C VAL B 23 20.08 -10.98 11.30
N VAL B 24 19.63 -9.93 10.63
CA VAL B 24 20.43 -8.73 10.40
C VAL B 24 19.60 -7.59 10.98
N GLU B 25 19.87 -7.24 12.24
CA GLU B 25 18.93 -6.49 13.05
C GLU B 25 19.05 -4.99 12.79
N VAL B 26 17.95 -4.38 12.40
CA VAL B 26 17.83 -2.93 12.28
C VAL B 26 16.71 -2.51 13.22
N VAL B 27 17.05 -1.77 14.27
CA VAL B 27 16.06 -1.41 15.29
C VAL B 27 15.21 -0.22 14.86
N GLU B 28 15.81 0.76 14.17
CA GLU B 28 15.05 1.94 13.76
C GLU B 28 13.92 1.55 12.81
N GLU B 29 12.76 2.16 13.01
CA GLU B 29 11.57 1.80 12.23
C GLU B 29 11.81 2.03 10.75
N ASN B 30 12.32 3.20 10.39
CA ASN B 30 12.70 3.48 9.01
C ASN B 30 14.12 2.94 8.81
N TYR B 31 14.25 1.84 8.08
CA TYR B 31 15.54 1.18 7.96
C TYR B 31 16.46 1.79 6.91
N HIS B 32 16.08 2.89 6.24
CA HIS B 32 16.94 3.48 5.21
C HIS B 32 18.17 4.12 5.83
N ASP B 33 19.36 3.61 5.47
CA ASP B 33 20.61 4.15 5.97
C ASP B 33 20.70 4.09 7.50
N ALA B 34 20.05 3.10 8.08
CA ALA B 34 19.97 2.91 9.52
C ALA B 34 21.06 1.94 9.99
N PRO B 35 21.44 2.02 11.26
CA PRO B 35 22.46 1.10 11.78
C PRO B 35 21.97 -0.35 11.81
N ILE B 36 22.92 -1.25 11.55
CA ILE B 36 22.75 -2.67 11.82
C ILE B 36 23.39 -2.94 13.17
N VAL B 37 22.59 -3.41 14.15
CA VAL B 37 23.07 -3.44 15.53
C VAL B 37 23.65 -4.80 15.91
N GLY B 38 23.43 -5.83 15.12
CA GLY B 38 23.96 -7.14 15.42
C GLY B 38 23.45 -8.12 14.40
N ILE B 39 24.10 -9.27 14.36
CA ILE B 39 23.83 -10.31 13.38
C ILE B 39 23.75 -11.63 14.14
N ALA B 40 22.78 -12.46 13.80
CA ALA B 40 22.75 -13.80 14.32
C ALA B 40 22.62 -14.77 13.16
N VAL B 41 23.27 -15.92 13.32
CA VAL B 41 23.25 -17.00 12.34
C VAL B 41 22.94 -18.29 13.09
N VAL B 42 21.95 -19.05 12.61
CA VAL B 42 21.68 -20.38 13.12
C VAL B 42 21.68 -21.35 11.95
N ASN B 43 22.46 -22.42 12.06
CA ASN B 43 22.56 -23.42 11.00
C ASN B 43 22.82 -24.77 11.66
N GLU B 44 23.14 -25.77 10.83
CA GLU B 44 23.29 -27.13 11.35
C GLU B 44 24.47 -27.25 12.29
N HIS B 45 25.42 -26.31 12.24
CA HIS B 45 26.62 -26.39 13.06
C HIS B 45 26.51 -25.65 14.38
N GLY B 46 25.56 -24.73 14.52
CA GLY B 46 25.38 -24.08 15.81
C GLY B 46 24.68 -22.74 15.68
N ARG B 47 24.79 -21.96 16.75
CA ARG B 47 24.14 -20.66 16.84
C ARG B 47 25.20 -19.61 17.13
N PHE B 48 25.20 -18.53 16.36
CA PHE B 48 26.27 -17.55 16.42
C PHE B 48 25.72 -16.14 16.45
N PHE B 49 26.30 -15.30 17.30
CA PHE B 49 26.10 -13.86 17.29
C PHE B 49 27.38 -13.19 16.82
N LEU B 50 27.25 -12.25 15.88
CA LEU B 50 28.39 -11.52 15.35
C LEU B 50 28.14 -10.03 15.47
N ARG B 51 29.17 -9.30 15.90
CA ARG B 51 29.11 -7.85 15.82
C ARG B 51 29.20 -7.41 14.36
N PRO B 52 28.38 -6.45 13.93
CA PRO B 52 28.38 -6.08 12.49
C PRO B 52 29.67 -5.43 12.03
N GLU B 53 30.36 -4.69 12.90
CA GLU B 53 31.68 -4.17 12.55
C GLU B 53 32.62 -5.31 12.13
N THR B 54 32.51 -6.46 12.81
CA THR B 54 33.31 -7.62 12.44
C THR B 54 32.77 -8.27 11.18
N ALA B 55 31.49 -8.64 11.20
CA ALA B 55 30.96 -9.51 10.15
C ALA B 55 30.91 -8.79 8.81
N LEU B 56 30.50 -7.52 8.80
CA LEU B 56 30.26 -6.84 7.53
C LEU B 56 31.54 -6.36 6.87
N ALA B 57 32.69 -6.40 7.56
CA ALA B 57 33.99 -6.17 6.96
C ALA B 57 34.70 -7.45 6.57
N ASP B 58 34.16 -8.60 6.95
CA ASP B 58 34.79 -9.89 6.65
C ASP B 58 34.47 -10.29 5.21
N PRO B 59 35.47 -10.40 4.33
CA PRO B 59 35.17 -10.69 2.92
C PRO B 59 34.44 -12.01 2.71
N GLN B 60 34.70 -13.03 3.53
CA GLN B 60 34.02 -14.31 3.32
C GLN B 60 32.57 -14.23 3.77
N PHE B 61 32.28 -13.49 4.86
CA PHE B 61 30.90 -13.30 5.26
C PHE B 61 30.12 -12.52 4.22
N VAL B 62 30.70 -11.44 3.70
CA VAL B 62 30.06 -10.65 2.66
C VAL B 62 29.83 -11.50 1.42
N ALA B 63 30.85 -12.27 1.01
CA ALA B 63 30.66 -13.23 -0.07
C ALA B 63 29.48 -14.16 0.19
N TRP B 64 29.35 -14.63 1.43
CA TRP B 64 28.28 -15.57 1.77
C TRP B 64 26.92 -14.90 1.69
N LEU B 65 26.82 -13.66 2.17
CA LEU B 65 25.55 -12.92 2.07
C LEU B 65 25.09 -12.80 0.63
N GLY B 66 26.02 -12.57 -0.29
CA GLY B 66 25.72 -12.30 -1.68
C GLY B 66 25.63 -13.52 -2.58
N ASP B 67 25.85 -14.71 -2.03
CA ASP B 67 25.85 -15.96 -2.80
C ASP B 67 24.42 -16.48 -2.88
N GLU B 68 23.85 -16.48 -4.08
CA GLU B 68 22.49 -16.99 -4.24
C GLU B 68 22.36 -18.45 -3.85
N THR B 69 23.44 -19.24 -3.94
CA THR B 69 23.37 -20.66 -3.63
C THR B 69 23.47 -20.96 -2.13
N LYS B 70 23.74 -19.94 -1.30
CA LYS B 70 23.67 -20.07 0.15
C LYS B 70 22.31 -19.57 0.60
N LYS B 71 21.45 -20.48 1.02
CA LYS B 71 20.06 -20.14 1.30
C LYS B 71 19.90 -19.64 2.73
N LYS B 72 19.19 -18.50 2.88
CA LYS B 72 18.90 -17.90 4.17
C LYS B 72 17.39 -17.90 4.41
N SER B 73 17.01 -18.16 5.65
CA SER B 73 15.65 -17.99 6.14
C SER B 73 15.65 -16.80 7.09
N MET B 74 14.71 -15.88 6.89
CA MET B 74 14.72 -14.60 7.59
C MET B 74 13.30 -14.19 7.93
N PHE B 75 13.19 -13.07 8.66
CA PHE B 75 11.94 -12.36 8.91
C PHE B 75 12.13 -10.92 8.42
N ASP B 76 11.30 -10.51 7.46
CA ASP B 76 11.39 -9.16 6.90
C ASP B 76 12.76 -8.95 6.24
N SER B 77 13.02 -9.79 5.26
CA SER B 77 14.30 -9.71 4.55
C SER B 77 14.46 -8.41 3.78
N LYS B 78 13.36 -7.74 3.43
CA LYS B 78 13.48 -6.44 2.76
C LYS B 78 14.13 -5.40 3.66
N ARG B 79 13.78 -5.39 4.95
CA ARG B 79 14.41 -4.50 5.91
C ARG B 79 15.92 -4.72 5.94
N ALA B 80 16.34 -5.97 6.02
CA ALA B 80 17.77 -6.31 6.02
C ALA B 80 18.41 -6.01 4.67
N ALA B 81 17.73 -6.38 3.58
CA ALA B 81 18.32 -6.15 2.26
C ALA B 81 18.57 -4.68 2.02
N VAL B 82 17.64 -3.82 2.43
CA VAL B 82 17.79 -2.40 2.17
C VAL B 82 18.89 -1.80 3.04
N ALA B 83 18.88 -2.14 4.33
CA ALA B 83 19.90 -1.62 5.23
C ALA B 83 21.29 -2.04 4.75
N LEU B 84 21.42 -3.25 4.21
CA LEU B 84 22.71 -3.68 3.66
C LEU B 84 23.02 -2.95 2.36
N LYS B 85 22.01 -2.70 1.51
CA LYS B 85 22.25 -1.91 0.30
C LYS B 85 22.88 -0.57 0.62
N TRP B 86 22.39 0.11 1.65
CA TRP B 86 22.97 1.39 2.03
C TRP B 86 24.44 1.25 2.47
N LYS B 87 24.87 0.06 2.82
CA LYS B 87 26.27 -0.17 3.17
C LYS B 87 27.06 -0.78 2.03
N GLY B 88 26.49 -0.86 0.83
CA GLY B 88 27.18 -1.41 -0.32
C GLY B 88 27.26 -2.92 -0.33
N ILE B 89 26.36 -3.61 0.36
CA ILE B 89 26.42 -5.07 0.50
C ILE B 89 25.16 -5.68 -0.08
N GLU B 90 25.34 -6.66 -0.97
CA GLU B 90 24.22 -7.35 -1.59
C GLU B 90 23.79 -8.56 -0.76
N LEU B 91 22.50 -8.67 -0.48
CA LEU B 91 21.92 -9.85 0.15
C LEU B 91 21.22 -10.67 -0.92
N CYS B 92 21.58 -11.93 -1.04
CA CYS B 92 20.97 -12.84 -2.01
C CYS B 92 20.65 -14.16 -1.32
N GLY B 93 19.88 -14.99 -2.03
CA GLY B 93 19.63 -16.34 -1.56
C GLY B 93 18.63 -16.47 -0.44
N VAL B 94 17.81 -15.45 -0.19
CA VAL B 94 16.78 -15.55 0.84
C VAL B 94 15.66 -16.43 0.28
N SER B 95 15.53 -17.64 0.81
CA SER B 95 14.59 -18.58 0.25
C SER B 95 13.30 -18.69 1.07
N PHE B 96 13.24 -18.06 2.24
CA PHE B 96 12.08 -18.15 3.12
C PHE B 96 12.02 -16.89 3.96
N ASP B 97 10.89 -16.19 3.90
CA ASP B 97 10.66 -14.98 4.69
C ASP B 97 9.46 -15.25 5.59
N LEU B 98 9.72 -15.36 6.89
CA LEU B 98 8.67 -15.71 7.85
C LEU B 98 7.63 -14.60 7.99
N LEU B 99 8.04 -13.35 7.79
CA LEU B 99 7.04 -12.28 7.81
C LEU B 99 6.02 -12.47 6.71
N LEU B 100 6.49 -12.74 5.48
CA LEU B 100 5.57 -12.89 4.35
C LEU B 100 4.80 -14.20 4.44
N ALA B 101 5.43 -15.25 4.96
CA ALA B 101 4.72 -16.50 5.18
C ALA B 101 3.57 -16.31 6.15
N ALA B 102 3.79 -15.57 7.24
CA ALA B 102 2.72 -15.36 8.21
C ALA B 102 1.64 -14.45 7.65
N TYR B 103 2.04 -13.42 6.90
CA TYR B 103 1.08 -12.56 6.22
C TYR B 103 0.14 -13.36 5.32
N LEU B 104 0.70 -14.28 4.53
CA LEU B 104 -0.14 -15.06 3.62
C LEU B 104 -1.04 -16.02 4.38
N LEU B 105 -0.56 -16.55 5.51
CA LEU B 105 -1.36 -17.54 6.24
C LEU B 105 -2.54 -16.88 6.97
N ASP B 106 -2.39 -15.64 7.39
CA ASP B 106 -3.48 -14.92 8.03
C ASP B 106 -3.12 -13.45 8.16
N PRO B 107 -3.52 -12.62 7.18
CA PRO B 107 -3.14 -11.21 7.21
C PRO B 107 -3.84 -10.43 8.32
N ALA B 108 -4.90 -10.97 8.91
CA ALA B 108 -5.56 -10.29 10.02
C ALA B 108 -4.74 -10.31 11.31
N GLN B 109 -3.75 -11.21 11.41
CA GLN B 109 -3.00 -11.34 12.67
C GLN B 109 -2.16 -10.10 12.96
N GLY B 110 -1.76 -9.36 11.94
CA GLY B 110 -0.90 -8.21 12.17
C GLY B 110 0.49 -8.59 12.64
N VAL B 111 1.05 -9.66 12.08
CA VAL B 111 2.38 -10.11 12.49
C VAL B 111 3.41 -9.04 12.14
N ASP B 112 4.05 -8.46 13.16
CA ASP B 112 5.06 -7.44 12.94
C ASP B 112 6.40 -7.72 13.62
N ASP B 113 6.54 -8.82 14.36
CA ASP B 113 7.87 -9.26 14.75
C ASP B 113 7.88 -10.78 14.79
N VAL B 114 9.08 -11.33 14.97
CA VAL B 114 9.22 -12.78 14.97
C VAL B 114 8.34 -13.42 16.02
N ALA B 115 8.28 -12.81 17.22
CA ALA B 115 7.50 -13.39 18.31
C ALA B 115 6.03 -13.52 17.94
N ALA B 116 5.47 -12.55 17.22
CA ALA B 116 4.05 -12.66 16.88
C ALA B 116 3.83 -13.78 15.85
N ALA B 117 4.74 -13.93 14.90
CA ALA B 117 4.67 -15.05 13.95
C ALA B 117 4.82 -16.37 14.67
N ALA B 118 5.76 -16.44 15.60
CA ALA B 118 6.03 -17.68 16.32
C ALA B 118 4.81 -18.12 17.14
N LYS B 119 4.07 -17.17 17.70
CA LYS B 119 2.90 -17.53 18.48
C LYS B 119 1.87 -18.28 17.64
N MET B 120 1.86 -18.06 16.32
CA MET B 120 0.91 -18.76 15.45
C MET B 120 1.15 -20.27 15.44
N LYS B 121 2.35 -20.71 15.77
CA LYS B 121 2.64 -22.13 15.84
C LYS B 121 3.06 -22.53 17.25
N GLN B 122 2.56 -21.80 18.26
CA GLN B 122 2.73 -22.13 19.68
C GLN B 122 4.21 -22.20 20.07
N TYR B 123 5.01 -21.34 19.47
CA TYR B 123 6.43 -21.17 19.78
C TYR B 123 6.57 -19.83 20.49
N GLU B 124 7.06 -19.86 21.73
CA GLU B 124 7.13 -18.67 22.55
C GLU B 124 8.51 -18.46 23.19
N ALA B 125 9.55 -19.11 22.68
CA ALA B 125 10.89 -18.97 23.27
C ALA B 125 11.67 -17.83 22.66
N VAL B 126 10.99 -16.70 22.46
CA VAL B 126 11.55 -15.48 21.87
C VAL B 126 10.70 -14.32 22.38
N ARG B 127 11.33 -13.19 22.62
CA ARG B 127 10.57 -12.07 23.13
C ARG B 127 10.13 -11.15 21.99
N PRO B 128 9.02 -10.43 22.18
CA PRO B 128 8.65 -9.40 21.21
C PRO B 128 9.70 -8.29 21.19
N ASP B 129 9.95 -7.75 19.99
CA ASP B 129 10.95 -6.70 19.85
C ASP B 129 10.67 -5.53 20.80
N GLU B 130 9.40 -5.18 20.96
CA GLU B 130 9.04 -4.06 21.82
C GLU B 130 9.48 -4.30 23.27
N ALA B 131 9.27 -5.51 23.78
CA ALA B 131 9.72 -5.81 25.13
C ALA B 131 11.22 -5.68 25.28
N VAL B 132 11.98 -5.89 24.20
CA VAL B 132 13.44 -5.82 24.27
C VAL B 132 13.94 -4.40 24.08
N TYR B 133 13.39 -3.66 23.12
CA TYR B 133 13.93 -2.35 22.76
C TYR B 133 13.20 -1.19 23.40
N GLY B 134 11.94 -1.35 23.79
CA GLY B 134 11.14 -0.25 24.29
C GLY B 134 10.15 0.27 23.25
N LYS B 135 9.36 1.23 23.67
CA LYS B 135 8.22 1.69 22.87
C LYS B 135 8.60 2.83 21.95
N GLY B 136 8.29 4.06 22.34
CA GLY B 136 8.56 5.20 21.48
C GLY B 136 9.84 5.95 21.82
N ALA B 137 9.72 6.98 22.65
CA ALA B 137 10.91 7.71 23.08
C ALA B 137 11.83 6.83 23.92
N LYS B 138 11.24 5.97 24.76
CA LYS B 138 11.99 5.07 25.62
C LYS B 138 12.69 3.93 24.85
N ARG B 139 12.65 3.99 23.52
CA ARG B 139 13.35 3.01 22.70
C ARG B 139 14.85 3.11 22.87
N ALA B 140 15.53 1.97 22.83
CA ALA B 140 16.98 1.90 23.04
C ALA B 140 17.47 0.51 22.66
N VAL B 141 18.75 0.44 22.29
CA VAL B 141 19.42 -0.83 22.02
C VAL B 141 20.05 -1.30 23.32
N PRO B 142 19.70 -2.51 23.82
CA PRO B 142 20.26 -2.95 25.10
C PRO B 142 21.72 -3.35 24.99
N ASP B 143 22.31 -3.74 26.12
CA ASP B 143 23.70 -4.15 26.13
C ASP B 143 23.87 -5.48 25.40
N GLU B 144 25.11 -5.79 25.04
CA GLU B 144 25.38 -6.89 24.12
C GLU B 144 24.85 -8.23 24.59
N PRO B 145 25.08 -8.68 25.84
CA PRO B 145 24.51 -9.97 26.26
C PRO B 145 23.01 -10.07 26.04
N VAL B 146 22.27 -9.00 26.33
CA VAL B 146 20.83 -9.03 26.13
C VAL B 146 20.49 -9.01 24.65
N LEU B 147 21.16 -8.13 23.89
CA LEU B 147 20.91 -8.06 22.45
C LEU B 147 21.24 -9.38 21.76
N ALA B 148 22.37 -9.98 22.14
CA ALA B 148 22.78 -11.21 21.47
C ALA B 148 21.81 -12.36 21.74
N GLU B 149 21.29 -12.46 22.96
CA GLU B 149 20.31 -13.50 23.24
C GLU B 149 19.04 -13.28 22.44
N HIS B 150 18.57 -12.04 22.34
CA HIS B 150 17.38 -11.76 21.56
C HIS B 150 17.59 -12.15 20.10
N LEU B 151 18.70 -11.73 19.50
CA LEU B 151 18.89 -11.99 18.07
C LEU B 151 19.05 -13.49 17.80
N VAL B 152 19.79 -14.20 18.66
CA VAL B 152 19.90 -15.65 18.49
C VAL B 152 18.54 -16.33 18.70
N ARG B 153 17.75 -15.85 19.67
CA ARG B 153 16.43 -16.44 19.86
C ARG B 153 15.53 -16.19 18.65
N LYS B 154 15.66 -15.03 18.00
CA LYS B 154 14.90 -14.80 16.78
C LYS B 154 15.34 -15.73 15.65
N ALA B 155 16.66 -15.91 15.50
CA ALA B 155 17.15 -16.79 14.46
C ALA B 155 16.76 -18.24 14.73
N ALA B 156 16.88 -18.69 16.00
CA ALA B 156 16.43 -20.03 16.35
C ALA B 156 14.95 -20.20 16.05
N ALA B 157 14.14 -19.17 16.30
CA ALA B 157 12.70 -19.29 16.03
C ALA B 157 12.46 -19.45 14.52
N ILE B 158 13.11 -18.61 13.70
CA ILE B 158 12.97 -18.73 12.26
C ILE B 158 13.38 -20.12 11.80
N TRP B 159 14.50 -20.61 12.35
CA TRP B 159 15.00 -21.93 12.01
C TRP B 159 13.97 -23.02 12.30
N ALA B 160 13.31 -22.93 13.42
CA ALA B 160 12.36 -23.94 13.76
C ALA B 160 10.98 -23.78 13.15
N LEU B 161 10.67 -22.60 12.69
CA LEU B 161 9.32 -22.34 12.19
C LEU B 161 9.20 -22.48 10.68
N GLU B 162 10.31 -22.58 9.94
CA GLU B 162 10.22 -22.60 8.49
C GLU B 162 9.36 -23.78 8.02
N ARG B 163 9.66 -24.98 8.52
CA ARG B 163 8.92 -26.17 8.09
C ARG B 163 7.43 -26.11 8.41
N PRO B 164 6.99 -25.80 9.64
CA PRO B 164 5.52 -25.76 9.86
C PRO B 164 4.82 -24.67 9.04
N PHE B 165 5.45 -23.51 8.84
CA PHE B 165 4.81 -22.49 8.01
C PHE B 165 4.71 -22.96 6.56
N LEU B 166 5.81 -23.49 6.01
CA LEU B 166 5.79 -24.01 4.63
C LEU B 166 4.76 -25.13 4.47
N ASP B 167 4.62 -25.98 5.50
CA ASP B 167 3.66 -27.06 5.45
C ASP B 167 2.23 -26.54 5.32
N GLU B 168 1.89 -25.50 6.09
CA GLU B 168 0.53 -24.99 6.02
C GLU B 168 0.30 -24.20 4.73
N LEU B 169 1.29 -23.43 4.30
CA LEU B 169 1.24 -22.75 3.00
C LEU B 169 0.94 -23.74 1.88
N ARG B 170 1.63 -24.89 1.90
CA ARG B 170 1.38 -25.92 0.88
C ARG B 170 -0.04 -26.49 1.00
N ARG B 171 -0.52 -26.70 2.23
CA ARG B 171 -1.88 -27.23 2.39
C ARG B 171 -2.91 -26.26 1.83
N ASN B 172 -2.67 -24.96 1.99
CA ASN B 172 -3.53 -23.91 1.47
C ASN B 172 -3.29 -23.60 -0.01
N GLU B 173 -2.32 -24.26 -0.64
CA GLU B 173 -1.92 -23.97 -2.03
C GLU B 173 -1.42 -22.55 -2.17
N GLN B 174 -0.62 -22.11 -1.19
CA GLN B 174 -0.04 -20.79 -1.19
C GLN B 174 1.47 -20.81 -1.27
N ASP B 175 2.07 -21.99 -1.42
CA ASP B 175 3.52 -22.07 -1.41
C ASP B 175 4.11 -21.34 -2.61
N ARG B 176 3.50 -21.47 -3.78
CA ARG B 176 4.01 -20.72 -4.93
C ARG B 176 3.71 -19.23 -4.77
N LEU B 177 2.59 -18.88 -4.14
CA LEU B 177 2.33 -17.47 -3.86
C LEU B 177 3.46 -16.86 -3.02
N LEU B 178 3.96 -17.60 -2.04
CA LEU B 178 5.10 -17.12 -1.27
C LEU B 178 6.35 -17.08 -2.14
N VAL B 179 6.73 -18.24 -2.70
CA VAL B 179 8.06 -18.38 -3.28
C VAL B 179 8.16 -17.71 -4.65
N GLU B 180 7.07 -17.68 -5.42
CA GLU B 180 7.15 -17.14 -6.77
C GLU B 180 6.54 -15.74 -6.91
N LEU B 181 5.77 -15.27 -5.92
CA LEU B 181 5.21 -13.91 -6.00
C LEU B 181 5.75 -13.02 -4.88
N GLU B 182 5.42 -13.29 -3.61
CA GLU B 182 5.73 -12.30 -2.57
C GLU B 182 7.24 -12.18 -2.33
N GLN B 183 7.97 -13.29 -2.31
CA GLN B 183 9.40 -13.16 -2.00
C GLN B 183 10.16 -12.49 -3.16
N PRO B 184 9.90 -12.84 -4.43
CA PRO B 184 10.53 -12.06 -5.51
C PRO B 184 10.13 -10.60 -5.50
N LEU B 185 8.87 -10.31 -5.20
CA LEU B 185 8.42 -8.92 -5.15
C LEU B 185 9.16 -8.16 -4.06
N SER B 186 9.42 -8.83 -2.93
CA SER B 186 10.13 -8.18 -1.83
C SER B 186 11.49 -7.65 -2.29
N SER B 187 12.21 -8.40 -3.14
CA SER B 187 13.50 -7.91 -3.65
C SER B 187 13.31 -6.72 -4.57
N ILE B 188 12.26 -6.75 -5.38
CA ILE B 188 11.99 -5.65 -6.29
C ILE B 188 11.62 -4.39 -5.50
N LEU B 189 10.77 -4.55 -4.49
CA LEU B 189 10.45 -3.43 -3.60
C LEU B 189 11.70 -2.86 -2.95
N ALA B 190 12.61 -3.74 -2.50
CA ALA B 190 13.84 -3.25 -1.89
C ALA B 190 14.61 -2.35 -2.85
N GLU B 191 14.73 -2.76 -4.11
CA GLU B 191 15.44 -1.95 -5.10
C GLU B 191 14.73 -0.62 -5.33
N MET B 192 13.39 -0.66 -5.41
CA MET B 192 12.61 0.55 -5.62
C MET B 192 12.80 1.54 -4.48
N GLU B 193 12.70 1.05 -3.24
CA GLU B 193 12.90 1.91 -2.08
C GLU B 193 14.30 2.47 -2.03
N PHE B 194 15.30 1.61 -2.27
CA PHE B 194 16.69 2.06 -2.25
C PHE B 194 16.95 3.12 -3.31
N ALA B 195 16.44 2.92 -4.52
CA ALA B 195 16.66 3.90 -5.58
C ALA B 195 16.08 5.25 -5.20
N GLY B 196 14.87 5.26 -4.66
CA GLY B 196 14.22 6.49 -4.25
C GLY B 196 13.69 7.27 -5.44
N VAL B 197 12.98 8.36 -5.12
CA VAL B 197 12.49 9.29 -6.13
C VAL B 197 13.14 10.64 -5.87
N LYS B 198 13.68 11.24 -6.92
CA LYS B 198 14.29 12.56 -6.82
C LYS B 198 13.23 13.63 -6.66
N VAL B 199 13.52 14.62 -5.81
CA VAL B 199 12.59 15.69 -5.47
C VAL B 199 13.24 17.02 -5.79
N ASP B 200 12.49 17.90 -6.43
CA ASP B 200 12.91 19.29 -6.67
C ASP B 200 12.56 20.08 -5.41
N THR B 201 13.53 20.17 -4.48
CA THR B 201 13.23 20.70 -3.15
C THR B 201 13.03 22.22 -3.19
N LYS B 202 13.71 22.92 -4.10
CA LYS B 202 13.50 24.36 -4.22
C LYS B 202 12.10 24.65 -4.74
N ARG B 203 11.60 23.85 -5.67
CA ARG B 203 10.22 24.02 -6.13
C ARG B 203 9.22 23.69 -5.02
N LEU B 204 9.52 22.68 -4.20
CA LEU B 204 8.66 22.39 -3.05
C LEU B 204 8.69 23.53 -2.04
N GLU B 205 9.87 24.08 -1.77
CA GLU B 205 10.00 25.17 -0.81
C GLU B 205 9.23 26.40 -1.26
N GLN B 206 9.30 26.75 -2.55
CA GLN B 206 8.57 27.90 -3.05
C GLN B 206 7.07 27.67 -3.03
N MET B 207 6.63 26.43 -3.24
CA MET B 207 5.22 26.12 -3.08
C MET B 207 4.80 26.26 -1.62
N GLY B 208 5.64 25.80 -0.70
CA GLY B 208 5.36 25.98 0.72
C GLY B 208 5.25 27.44 1.10
N GLU B 209 6.06 28.27 0.46
CA GLU B 209 6.05 29.69 0.70
C GLU B 209 4.76 30.29 0.15
N GLU B 210 4.36 29.89 -1.03
CA GLU B 210 3.11 30.34 -1.62
C GLU B 210 1.92 29.91 -0.77
N LEU B 211 1.93 28.66 -0.33
CA LEU B 211 0.85 28.14 0.51
C LEU B 211 0.75 28.93 1.81
N ALA B 212 1.89 29.13 2.48
CA ALA B 212 1.90 29.81 3.77
C ALA B 212 1.35 31.22 3.65
N GLU B 213 1.59 31.88 2.51
CA GLU B 213 1.01 33.20 2.30
C GLU B 213 -0.50 33.10 2.15
N GLN B 214 -0.97 32.14 1.34
CA GLN B 214 -2.40 32.00 1.10
C GLN B 214 -3.14 31.54 2.35
N LEU B 215 -2.55 30.60 3.09
CA LEU B 215 -3.11 30.23 4.40
C LEU B 215 -3.19 31.43 5.32
N ARG B 216 -2.16 32.25 5.35
CA ARG B 216 -2.20 33.43 6.16
C ARG B 216 -3.36 34.33 5.76
N THR B 217 -3.60 34.49 4.47
CA THR B 217 -4.68 35.38 4.04
C THR B 217 -6.06 34.81 4.38
N VAL B 218 -6.25 33.50 4.16
CA VAL B 218 -7.53 32.89 4.47
C VAL B 218 -7.73 32.81 5.99
N GLU B 219 -6.65 32.50 6.72
CA GLU B 219 -6.74 32.38 8.18
C GLU B 219 -7.19 33.68 8.82
N GLN B 220 -6.73 34.82 8.30
CA GLN B 220 -7.16 36.10 8.85
C GLN B 220 -8.58 36.44 8.44
N ARG B 221 -8.97 36.07 7.22
CA ARG B 221 -10.34 36.30 6.78
C ARG B 221 -11.34 35.50 7.62
N ILE B 222 -10.95 34.30 8.05
CA ILE B 222 -11.81 33.50 8.91
C ILE B 222 -11.98 34.17 10.27
N TYR B 223 -10.90 34.80 10.77
CA TYR B 223 -10.96 35.47 12.06
C TYR B 223 -11.88 36.68 12.00
N GLU B 224 -11.86 37.42 10.90
CA GLU B 224 -12.78 38.54 10.73
C GLU B 224 -14.23 38.06 10.66
N LEU B 225 -14.47 36.96 9.95
CA LEU B 225 -15.83 36.46 9.78
C LEU B 225 -16.34 35.83 11.07
N ALA B 226 -15.49 35.11 11.80
CA ALA B 226 -15.80 34.77 13.17
C ALA B 226 -15.62 36.01 14.04
N GLY B 227 -15.84 35.88 15.34
CA GLY B 227 -15.50 36.99 16.20
C GLY B 227 -14.05 36.91 16.61
N GLN B 228 -13.65 35.72 17.04
CA GLN B 228 -12.40 35.49 17.74
C GLN B 228 -11.35 34.91 16.80
N GLU B 229 -10.13 34.81 17.32
CA GLU B 229 -9.15 33.89 16.78
C GLU B 229 -9.34 32.53 17.45
N PHE B 230 -8.98 31.47 16.73
CA PHE B 230 -9.16 30.13 17.27
C PHE B 230 -8.37 29.15 16.43
N ASN B 231 -8.19 27.95 16.97
CA ASN B 231 -7.47 26.88 16.26
C ASN B 231 -8.42 26.29 15.22
N ILE B 232 -8.32 26.83 13.99
CA ILE B 232 -9.14 26.36 12.89
C ILE B 232 -8.93 24.87 12.62
N ASN B 233 -7.79 24.31 13.05
CA ASN B 233 -7.48 22.92 12.80
C ASN B 233 -8.02 21.98 13.87
N SER B 234 -8.65 22.49 14.92
CA SER B 234 -9.23 21.63 15.92
C SER B 234 -10.74 21.58 15.73
N PRO B 235 -11.29 20.45 15.27
CA PRO B 235 -12.74 20.38 15.02
C PRO B 235 -13.61 20.80 16.20
N LYS B 236 -13.04 20.80 17.41
CA LYS B 236 -13.81 21.20 18.58
C LYS B 236 -13.97 22.71 18.66
N GLN B 237 -12.88 23.46 18.50
CA GLN B 237 -12.98 24.92 18.52
C GLN B 237 -13.76 25.43 17.32
N LEU B 238 -13.52 24.82 16.16
CA LEU B 238 -14.25 25.20 14.96
C LEU B 238 -15.75 24.94 15.12
N GLY B 239 -16.10 23.86 15.82
CA GLY B 239 -17.51 23.55 16.03
C GLY B 239 -18.21 24.56 16.92
N VAL B 240 -17.52 25.08 17.93
CA VAL B 240 -18.10 26.13 18.76
C VAL B 240 -18.38 27.37 17.91
N ILE B 241 -17.43 27.73 17.05
CA ILE B 241 -17.58 28.92 16.22
C ILE B 241 -18.78 28.76 15.28
N LEU B 242 -18.82 27.64 14.54
CA LEU B 242 -19.86 27.45 13.54
C LEU B 242 -21.24 27.28 14.16
N PHE B 243 -21.35 26.38 15.14
CA PHE B 243 -22.65 25.91 15.61
C PHE B 243 -23.14 26.61 16.88
N GLU B 244 -22.28 27.35 17.57
CA GLU B 244 -22.72 28.10 18.73
C GLU B 244 -22.60 29.60 18.53
N LYS B 245 -21.43 30.09 18.09
CA LYS B 245 -21.28 31.53 17.89
C LYS B 245 -22.08 32.01 16.68
N LEU B 246 -22.01 31.28 15.57
CA LEU B 246 -22.70 31.67 14.35
C LEU B 246 -24.02 30.94 14.16
N GLN B 247 -24.30 29.94 14.99
CA GLN B 247 -25.63 29.30 15.03
C GLN B 247 -25.97 28.57 13.74
N LEU B 248 -24.98 28.02 13.05
CA LEU B 248 -25.28 27.28 11.84
C LEU B 248 -26.03 25.99 12.19
N PRO B 249 -26.90 25.51 11.30
CA PRO B 249 -27.65 24.28 11.59
C PRO B 249 -26.73 23.10 11.85
N VAL B 250 -27.09 22.29 12.83
CA VAL B 250 -26.30 21.11 13.18
C VAL B 250 -26.87 19.94 12.37
N LEU B 251 -26.19 19.55 11.32
CA LEU B 251 -26.67 18.49 10.44
C LEU B 251 -26.16 17.11 10.85
N LYS B 252 -25.05 17.02 11.56
CA LYS B 252 -24.45 15.74 11.88
C LYS B 252 -23.57 15.92 13.11
N LYS B 253 -23.64 14.94 14.01
CA LYS B 253 -22.88 14.97 15.25
C LYS B 253 -21.78 13.92 15.17
N THR B 254 -20.76 14.11 15.98
CA THR B 254 -19.70 13.13 16.14
C THR B 254 -19.79 12.56 17.55
N LYS B 255 -19.01 11.56 17.87
CA LYS B 255 -19.09 10.98 19.20
C LYS B 255 -18.74 12.00 20.28
N THR B 256 -17.82 12.93 19.98
CA THR B 256 -17.41 13.93 20.95
C THR B 256 -18.04 15.30 20.74
N GLY B 257 -18.64 15.54 19.57
CA GLY B 257 -19.23 16.85 19.30
C GLY B 257 -19.96 16.95 17.97
N TYR B 258 -19.86 18.10 17.31
CA TYR B 258 -20.51 18.31 16.02
C TYR B 258 -19.54 18.05 14.88
N SER B 259 -20.07 17.52 13.78
CA SER B 259 -19.24 17.25 12.62
C SER B 259 -18.89 18.54 11.89
N THR B 260 -17.62 18.66 11.49
CA THR B 260 -17.19 19.74 10.61
C THR B 260 -16.54 19.17 9.34
N SER B 261 -16.97 17.97 8.94
CA SER B 261 -16.42 17.35 7.74
C SER B 261 -16.81 18.15 6.50
N ALA B 262 -16.02 17.96 5.44
CA ALA B 262 -16.22 18.72 4.22
C ALA B 262 -17.62 18.50 3.64
N ASP B 263 -18.19 17.31 3.81
CA ASP B 263 -19.53 17.07 3.28
C ASP B 263 -20.59 17.83 4.06
N VAL B 264 -20.36 18.07 5.35
CA VAL B 264 -21.30 18.89 6.11
C VAL B 264 -21.09 20.37 5.81
N LEU B 265 -19.83 20.81 5.71
CA LEU B 265 -19.56 22.23 5.47
C LEU B 265 -20.12 22.68 4.14
N GLU B 266 -20.07 21.83 3.12
CA GLU B 266 -20.57 22.23 1.81
C GLU B 266 -22.07 22.52 1.86
N LYS B 267 -22.83 21.73 2.61
CA LYS B 267 -24.26 22.01 2.77
C LYS B 267 -24.51 23.28 3.58
N LEU B 268 -23.56 23.68 4.41
CA LEU B 268 -23.74 24.87 5.24
C LEU B 268 -23.28 26.14 4.55
N ALA B 269 -22.57 26.02 3.42
CA ALA B 269 -22.03 27.19 2.74
C ALA B 269 -23.04 28.31 2.52
N PRO B 270 -24.30 28.06 2.14
CA PRO B 270 -25.21 29.20 1.88
C PRO B 270 -25.51 30.05 3.11
N TYR B 271 -25.23 29.57 4.33
CA TYR B 271 -25.64 30.31 5.51
C TYR B 271 -24.65 31.39 5.93
N HIS B 272 -23.37 31.25 5.59
CA HIS B 272 -22.39 32.19 6.11
C HIS B 272 -21.12 32.13 5.28
N GLU B 273 -20.55 33.31 5.01
CA GLU B 273 -19.33 33.45 4.20
C GLU B 273 -18.15 32.70 4.80
N ILE B 274 -18.16 32.44 6.11
CA ILE B 274 -17.01 31.79 6.74
C ILE B 274 -16.84 30.36 6.25
N VAL B 275 -17.92 29.71 5.81
CA VAL B 275 -17.86 28.28 5.55
C VAL B 275 -16.94 27.98 4.38
N GLU B 276 -17.14 28.68 3.26
CA GLU B 276 -16.28 28.50 2.09
C GLU B 276 -14.82 28.76 2.43
N ASN B 277 -14.55 29.67 3.36
CA ASN B 277 -13.17 29.94 3.74
C ASN B 277 -12.59 28.79 4.55
N ILE B 278 -13.40 28.18 5.41
CA ILE B 278 -12.96 27.01 6.15
C ILE B 278 -12.63 25.87 5.19
N LEU B 279 -13.50 25.66 4.19
CA LEU B 279 -13.20 24.65 3.17
C LEU B 279 -11.88 24.96 2.48
N HIS B 280 -11.68 26.22 2.09
CA HIS B 280 -10.45 26.62 1.41
C HIS B 280 -9.24 26.42 2.32
N TYR B 281 -9.36 26.79 3.59
CA TYR B 281 -8.27 26.62 4.56
C TYR B 281 -7.93 25.14 4.75
N ARG B 282 -8.95 24.28 4.83
CA ARG B 282 -8.73 22.85 4.99
C ARG B 282 -7.95 22.28 3.81
N GLN B 283 -8.32 22.67 2.59
CA GLN B 283 -7.60 22.20 1.41
C GLN B 283 -6.14 22.65 1.45
N LEU B 284 -5.92 23.95 1.62
CA LEU B 284 -4.56 24.47 1.65
C LEU B 284 -3.75 23.87 2.78
N GLY B 285 -4.36 23.75 3.97
CA GLY B 285 -3.64 23.20 5.11
C GLY B 285 -3.30 21.73 4.92
N LYS B 286 -4.19 20.98 4.28
CA LYS B 286 -3.89 19.60 3.91
C LYS B 286 -2.62 19.54 3.07
N LEU B 287 -2.56 20.31 1.99
CA LEU B 287 -1.38 20.33 1.13
C LEU B 287 -0.13 20.71 1.91
N GLN B 288 -0.22 21.75 2.74
CA GLN B 288 0.94 22.24 3.47
C GLN B 288 1.43 21.22 4.47
N SER B 289 0.55 20.76 5.36
CA SER B 289 0.99 19.95 6.48
C SER B 289 1.30 18.53 6.06
N THR B 290 0.42 17.92 5.24
CA THR B 290 0.65 16.53 4.86
C THR B 290 1.72 16.42 3.78
N TYR B 291 1.64 17.25 2.74
CA TYR B 291 2.46 17.01 1.56
C TYR B 291 3.71 17.88 1.49
N ILE B 292 3.60 19.20 1.57
CA ILE B 292 4.80 20.03 1.49
C ILE B 292 5.69 19.80 2.70
N GLU B 293 5.14 19.98 3.90
CA GLU B 293 5.95 19.82 5.11
C GLU B 293 6.40 18.38 5.28
N GLY B 294 5.51 17.42 5.01
CA GLY B 294 5.87 16.02 5.16
C GLY B 294 7.01 15.60 4.26
N LEU B 295 6.95 15.98 2.98
CA LEU B 295 8.02 15.63 2.04
C LEU B 295 9.33 16.32 2.39
N LEU B 296 9.29 17.60 2.73
CA LEU B 296 10.52 18.29 3.07
C LEU B 296 11.14 17.70 4.33
N LYS B 297 10.30 17.21 5.24
CA LYS B 297 10.83 16.63 6.48
C LYS B 297 11.60 15.34 6.24
N VAL B 298 11.21 14.53 5.26
CA VAL B 298 11.81 13.21 5.05
C VAL B 298 12.72 13.13 3.85
N VAL B 299 12.77 14.16 2.99
CA VAL B 299 13.71 14.12 1.87
C VAL B 299 15.14 14.11 2.42
N ARG B 300 16.00 13.30 1.81
CA ARG B 300 17.41 13.22 2.23
C ARG B 300 18.18 14.38 1.62
N PRO B 301 18.72 15.30 2.43
CA PRO B 301 19.27 16.54 1.86
C PRO B 301 20.52 16.35 1.06
N ASP B 302 21.18 15.20 1.14
CA ASP B 302 22.39 15.02 0.36
C ASP B 302 22.06 14.62 -1.06
N THR B 303 21.08 13.74 -1.25
CA THR B 303 20.70 13.27 -2.58
C THR B 303 19.42 13.91 -3.11
N LYS B 304 18.70 14.67 -2.28
CA LYS B 304 17.41 15.22 -2.66
C LYS B 304 16.46 14.13 -3.11
N LYS B 305 16.53 12.96 -2.47
CA LYS B 305 15.59 11.88 -2.77
C LYS B 305 14.75 11.56 -1.54
N VAL B 306 13.52 11.11 -1.79
CA VAL B 306 12.69 10.48 -0.76
C VAL B 306 12.70 8.98 -1.01
N HIS B 307 12.84 8.23 0.07
CA HIS B 307 12.92 6.76 0.02
C HIS B 307 11.75 6.24 0.85
N THR B 308 10.64 5.92 0.19
CA THR B 308 9.50 5.39 0.91
C THR B 308 9.79 3.97 1.40
N ILE B 309 8.93 3.48 2.28
CA ILE B 309 8.95 2.07 2.67
C ILE B 309 7.59 1.50 2.28
N PHE B 310 7.59 0.47 1.44
CA PHE B 310 6.36 -0.21 1.08
C PHE B 310 6.07 -1.30 2.11
N ASN B 311 4.89 -1.24 2.73
CA ASN B 311 4.52 -2.28 3.70
C ASN B 311 3.86 -3.39 2.90
N GLN B 312 4.56 -4.51 2.77
CA GLN B 312 4.11 -5.62 1.96
C GLN B 312 3.25 -6.60 2.75
N ALA B 313 3.19 -6.46 4.05
CA ALA B 313 2.64 -7.48 4.92
C ALA B 313 1.61 -6.88 5.85
N LEU B 314 0.77 -5.98 5.34
CA LEU B 314 -0.15 -5.25 6.22
C LEU B 314 -1.63 -5.41 5.86
N THR B 315 -2.03 -5.14 4.62
CA THR B 315 -3.46 -5.04 4.32
C THR B 315 -4.11 -6.41 4.13
N GLN B 316 -5.40 -6.48 4.43
CA GLN B 316 -6.13 -7.73 4.30
C GLN B 316 -6.51 -8.06 2.86
N THR B 317 -6.36 -7.12 1.90
CA THR B 317 -6.66 -7.45 0.51
C THR B 317 -5.44 -7.86 -0.29
N GLY B 318 -4.24 -7.61 0.20
CA GLY B 318 -3.05 -7.85 -0.59
C GLY B 318 -2.50 -6.63 -1.28
N ARG B 319 -3.12 -5.47 -1.10
CA ARG B 319 -2.50 -4.21 -1.51
C ARG B 319 -1.26 -3.91 -0.69
N LEU B 320 -0.30 -3.23 -1.32
CA LEU B 320 0.78 -2.56 -0.61
C LEU B 320 0.26 -1.32 0.10
N SER B 321 1.01 -0.88 1.12
CA SER B 321 0.88 0.49 1.56
C SER B 321 2.25 1.12 1.55
N SER B 322 2.31 2.42 1.75
CA SER B 322 3.55 3.17 1.59
C SER B 322 3.64 4.18 2.72
N THR B 323 4.83 4.36 3.29
CA THR B 323 4.99 5.26 4.42
C THR B 323 6.36 5.95 4.40
N GLU B 324 6.41 7.15 4.97
CA GLU B 324 7.65 7.88 5.22
C GLU B 324 8.52 8.13 3.98
N PRO B 325 8.01 8.84 2.97
CA PRO B 325 6.65 9.38 2.90
C PRO B 325 5.72 8.38 2.24
N ASN B 326 4.43 8.51 2.51
CA ASN B 326 3.42 7.83 1.70
C ASN B 326 3.39 8.45 0.31
N LEU B 327 3.74 7.66 -0.70
CA LEU B 327 3.75 8.18 -2.06
C LEU B 327 2.60 7.66 -2.90
N GLN B 328 1.59 7.03 -2.27
CA GLN B 328 0.46 6.50 -3.00
C GLN B 328 -0.78 7.37 -2.89
N ASN B 329 -0.68 8.55 -2.27
CA ASN B 329 -1.83 9.44 -2.21
C ASN B 329 -1.41 10.88 -2.49
N ILE B 330 -0.42 11.05 -3.37
CA ILE B 330 -0.07 12.41 -3.82
C ILE B 330 -1.24 13.00 -4.58
N PRO B 331 -1.64 14.25 -4.32
CA PRO B 331 -2.87 14.79 -4.93
C PRO B 331 -2.86 14.76 -6.44
N ILE B 332 -4.06 14.62 -7.02
CA ILE B 332 -4.22 14.60 -8.46
C ILE B 332 -5.59 15.10 -8.88
N ARG B 333 -6.60 14.97 -8.00
CA ARG B 333 -7.96 15.30 -8.41
C ARG B 333 -8.13 16.79 -8.65
N LEU B 334 -7.70 17.62 -7.70
CA LEU B 334 -7.75 19.07 -7.86
C LEU B 334 -6.40 19.58 -8.35
N GLU B 335 -6.46 20.62 -9.19
CA GLU B 335 -5.25 21.10 -9.86
C GLU B 335 -4.26 21.73 -8.87
N GLU B 336 -4.76 22.47 -7.89
CA GLU B 336 -3.87 23.14 -6.93
C GLU B 336 -2.96 22.14 -6.23
N GLY B 337 -3.52 21.01 -5.79
CA GLY B 337 -2.71 19.97 -5.18
C GLY B 337 -1.93 19.14 -6.18
N ARG B 338 -2.47 18.95 -7.38
CA ARG B 338 -1.80 18.14 -8.38
C ARG B 338 -0.42 18.71 -8.75
N LYS B 339 -0.29 20.03 -8.69
CA LYS B 339 0.98 20.68 -9.04
C LYS B 339 2.12 20.25 -8.12
N ILE B 340 1.81 19.66 -6.96
CA ILE B 340 2.84 19.07 -6.12
C ILE B 340 3.63 18.02 -6.89
N ARG B 341 2.97 17.33 -7.82
CA ARG B 341 3.65 16.32 -8.62
C ARG B 341 4.73 16.93 -9.51
N GLN B 342 4.74 18.24 -9.70
CA GLN B 342 5.84 18.84 -10.46
C GLN B 342 7.16 18.75 -9.74
N ALA B 343 7.16 18.45 -8.44
CA ALA B 343 8.39 18.40 -7.66
C ALA B 343 9.02 17.02 -7.67
N PHE B 344 8.37 16.04 -8.27
CA PHE B 344 8.90 14.68 -8.39
C PHE B 344 9.49 14.55 -9.79
N VAL B 345 10.80 14.37 -9.86
CA VAL B 345 11.54 14.54 -11.11
C VAL B 345 12.43 13.31 -11.32
N PRO B 346 12.91 13.10 -12.54
CA PRO B 346 13.84 11.99 -12.78
C PRO B 346 15.15 12.18 -12.05
N SER B 347 15.80 11.06 -11.72
CA SER B 347 17.00 11.12 -10.90
C SER B 347 18.23 11.55 -11.69
N GLU B 348 18.13 11.61 -13.02
CA GLU B 348 19.27 11.98 -13.85
C GLU B 348 18.80 12.90 -14.94
N SER B 349 19.64 13.88 -15.30
CA SER B 349 19.29 14.75 -16.41
C SER B 349 19.14 13.90 -17.67
N ASP B 350 18.23 14.32 -18.53
CA ASP B 350 17.88 13.64 -19.77
C ASP B 350 17.23 12.29 -19.53
N TRP B 351 16.69 12.06 -18.33
CA TRP B 351 15.74 10.98 -18.06
C TRP B 351 14.33 11.56 -17.96
N LEU B 352 13.34 10.67 -18.04
CA LEU B 352 11.94 11.09 -17.97
C LEU B 352 11.18 10.15 -17.02
N ILE B 353 10.04 10.63 -16.54
CA ILE B 353 9.13 9.81 -15.74
C ILE B 353 8.16 9.12 -16.69
N PHE B 354 7.97 7.81 -16.53
CA PHE B 354 7.02 7.02 -17.31
C PHE B 354 6.01 6.39 -16.36
N ALA B 355 4.71 6.59 -16.62
CA ALA B 355 3.65 6.10 -15.76
C ALA B 355 2.64 5.27 -16.55
N ALA B 356 2.36 4.06 -16.09
CA ALA B 356 1.42 3.16 -16.76
C ALA B 356 0.40 2.69 -15.75
N ASP B 357 -0.88 2.75 -16.11
CA ASP B 357 -1.95 2.35 -15.21
C ASP B 357 -2.91 1.40 -15.90
N TYR B 358 -3.35 0.37 -15.18
CA TYR B 358 -4.44 -0.46 -15.65
C TYR B 358 -5.72 0.36 -15.74
N SER B 359 -6.46 0.20 -16.84
CA SER B 359 -7.80 0.78 -16.94
C SER B 359 -8.81 -0.21 -16.41
N GLN B 360 -9.46 0.16 -15.29
CA GLN B 360 -10.54 -0.63 -14.69
C GLN B 360 -10.16 -2.08 -14.44
N ILE B 361 -8.99 -2.32 -13.82
CA ILE B 361 -8.60 -3.71 -13.60
C ILE B 361 -9.61 -4.42 -12.68
N GLU B 362 -10.11 -3.72 -11.66
CA GLU B 362 -10.99 -4.38 -10.69
C GLU B 362 -12.31 -4.84 -11.33
N LEU B 363 -12.95 -3.98 -12.13
CA LEU B 363 -14.19 -4.43 -12.76
C LEU B 363 -13.92 -5.46 -13.84
N ARG B 364 -12.76 -5.39 -14.49
CA ARG B 364 -12.41 -6.46 -15.41
C ARG B 364 -12.22 -7.77 -14.67
N VAL B 365 -11.53 -7.74 -13.53
CA VAL B 365 -11.45 -8.92 -12.67
C VAL B 365 -12.85 -9.40 -12.29
N LEU B 366 -13.72 -8.46 -11.90
CA LEU B 366 -15.07 -8.85 -11.50
C LEU B 366 -15.81 -9.49 -12.68
N ALA B 367 -15.71 -8.91 -13.87
CA ALA B 367 -16.34 -9.52 -15.03
C ALA B 367 -15.84 -10.95 -15.23
N HIS B 368 -14.54 -11.17 -15.00
CA HIS B 368 -13.96 -12.48 -15.23
C HIS B 368 -14.46 -13.50 -14.21
N ILE B 369 -14.37 -13.16 -12.92
CA ILE B 369 -14.72 -14.14 -11.88
C ILE B 369 -16.22 -14.40 -11.83
N ALA B 370 -17.04 -13.39 -12.10
CA ALA B 370 -18.49 -13.57 -12.13
C ALA B 370 -18.99 -14.13 -13.46
N GLU B 371 -18.18 -14.06 -14.53
CA GLU B 371 -18.61 -14.45 -15.87
C GLU B 371 -19.94 -13.76 -16.24
N ASP B 372 -20.02 -12.48 -15.91
CA ASP B 372 -21.22 -11.72 -16.22
C ASP B 372 -21.21 -11.33 -17.69
N ASP B 373 -22.21 -11.77 -18.45
CA ASP B 373 -22.18 -11.58 -19.90
C ASP B 373 -22.14 -10.10 -20.26
N ASN B 374 -22.97 -9.29 -19.59
CA ASN B 374 -23.05 -7.86 -19.89
C ASN B 374 -21.74 -7.17 -19.56
N LEU B 375 -21.17 -7.46 -18.40
CA LEU B 375 -19.92 -6.81 -18.02
C LEU B 375 -18.77 -7.25 -18.90
N MET B 376 -18.71 -8.55 -19.24
CA MET B 376 -17.63 -9.03 -20.09
C MET B 376 -17.70 -8.37 -21.47
N GLU B 377 -18.91 -8.22 -22.01
CA GLU B 377 -19.06 -7.59 -23.33
C GLU B 377 -18.66 -6.13 -23.30
N ALA B 378 -19.02 -5.41 -22.23
CA ALA B 378 -18.62 -4.00 -22.15
C ALA B 378 -17.10 -3.86 -22.22
N PHE B 379 -16.35 -4.70 -21.49
CA PHE B 379 -14.91 -4.58 -21.57
C PHE B 379 -14.32 -5.16 -22.86
N ARG B 380 -14.96 -6.18 -23.44
CA ARG B 380 -14.51 -6.65 -24.76
C ARG B 380 -14.67 -5.58 -25.83
N ARG B 381 -15.70 -4.72 -25.69
CA ARG B 381 -15.89 -3.56 -26.57
C ARG B 381 -15.07 -2.35 -26.12
N ASP B 382 -14.34 -2.46 -25.00
CA ASP B 382 -13.56 -1.38 -24.41
C ASP B 382 -14.38 -0.10 -24.23
N LEU B 383 -15.59 -0.28 -23.71
CA LEU B 383 -16.52 0.82 -23.45
C LEU B 383 -16.05 1.71 -22.30
N ASP B 384 -16.56 2.94 -22.30
CA ASP B 384 -16.56 3.74 -21.07
C ASP B 384 -17.51 3.07 -20.09
N ILE B 385 -16.96 2.47 -19.04
CA ILE B 385 -17.75 1.58 -18.19
C ILE B 385 -18.74 2.37 -17.34
N HIS B 386 -18.42 3.64 -17.04
CA HIS B 386 -19.30 4.46 -16.23
C HIS B 386 -20.50 4.90 -17.04
N THR B 387 -20.26 5.30 -18.30
CA THR B 387 -21.36 5.60 -19.22
C THR B 387 -22.20 4.36 -19.48
N LYS B 388 -21.55 3.22 -19.74
CA LYS B 388 -22.31 1.98 -19.98
C LYS B 388 -23.14 1.59 -18.76
N THR B 389 -22.56 1.68 -17.56
CA THR B 389 -23.32 1.37 -16.35
C THR B 389 -24.51 2.32 -16.18
N ALA B 390 -24.30 3.61 -16.47
CA ALA B 390 -25.44 4.53 -16.42
C ALA B 390 -26.52 4.14 -17.41
N MET B 391 -26.13 3.74 -18.62
CA MET B 391 -27.13 3.37 -19.62
C MET B 391 -27.98 2.20 -19.15
N ASP B 392 -27.34 1.19 -18.54
CA ASP B 392 -28.08 0.03 -18.07
C ASP B 392 -28.88 0.33 -16.80
N ILE B 393 -28.26 1.02 -15.84
CA ILE B 393 -28.92 1.33 -14.57
C ILE B 393 -30.16 2.20 -14.79
N PHE B 394 -30.04 3.20 -15.65
CA PHE B 394 -31.12 4.17 -15.83
C PHE B 394 -31.94 3.90 -17.09
N GLN B 395 -31.61 2.86 -17.84
CA GLN B 395 -32.37 2.45 -19.03
C GLN B 395 -32.50 3.60 -20.03
N VAL B 396 -31.34 4.13 -20.46
CA VAL B 396 -31.31 5.17 -21.48
C VAL B 396 -30.28 4.78 -22.53
N SER B 397 -30.38 5.42 -23.69
CA SER B 397 -29.36 5.26 -24.71
C SER B 397 -28.13 6.12 -24.38
N GLU B 398 -27.04 5.85 -25.08
CA GLU B 398 -25.78 6.52 -24.76
C GLU B 398 -25.89 8.04 -24.85
N ASP B 399 -26.65 8.54 -25.82
CA ASP B 399 -26.75 9.99 -26.00
C ASP B 399 -27.67 10.66 -24.99
N GLU B 400 -28.36 9.90 -24.14
CA GLU B 400 -29.19 10.46 -23.09
C GLU B 400 -28.54 10.35 -21.71
N VAL B 401 -27.33 9.79 -21.64
CA VAL B 401 -26.59 9.81 -20.39
C VAL B 401 -26.15 11.25 -20.14
N THR B 402 -26.61 11.81 -19.04
CA THR B 402 -26.17 13.14 -18.65
C THR B 402 -24.92 13.03 -17.80
N PRO B 403 -24.19 14.14 -17.60
CA PRO B 403 -23.03 14.09 -16.69
C PRO B 403 -23.38 13.62 -15.29
N ASN B 404 -24.53 14.03 -14.75
CA ASN B 404 -24.85 13.59 -13.39
C ASN B 404 -25.14 12.09 -13.34
N MET B 405 -25.77 11.55 -14.39
CA MET B 405 -26.00 10.10 -14.45
C MET B 405 -24.69 9.34 -14.48
N ARG B 406 -23.75 9.78 -15.30
CA ARG B 406 -22.47 9.10 -15.35
C ARG B 406 -21.77 9.17 -14.00
N ARG B 407 -21.84 10.34 -13.33
CA ARG B 407 -21.24 10.48 -12.01
C ARG B 407 -21.83 9.50 -11.01
N GLN B 408 -23.14 9.32 -11.01
CA GLN B 408 -23.73 8.44 -10.03
C GLN B 408 -23.42 6.97 -10.34
N ALA B 409 -23.36 6.60 -11.63
CA ALA B 409 -22.93 5.26 -12.00
C ALA B 409 -21.46 5.01 -11.63
N LYS B 410 -20.61 6.01 -11.84
CA LYS B 410 -19.21 5.85 -11.45
C LYS B 410 -19.09 5.61 -9.95
N ALA B 411 -19.93 6.29 -9.17
CA ALA B 411 -19.93 6.13 -7.72
C ALA B 411 -20.40 4.74 -7.30
N VAL B 412 -21.40 4.19 -8.03
CA VAL B 412 -21.81 2.81 -7.80
C VAL B 412 -20.68 1.84 -8.15
N ASN B 413 -20.00 2.09 -9.28
CA ASN B 413 -18.83 1.28 -9.63
C ASN B 413 -17.77 1.35 -8.55
N PHE B 414 -17.51 2.56 -8.02
CA PHE B 414 -16.58 2.69 -6.90
C PHE B 414 -17.01 1.82 -5.71
N GLY B 415 -18.27 1.93 -5.31
CA GLY B 415 -18.74 1.13 -4.18
C GLY B 415 -18.59 -0.36 -4.42
N ILE B 416 -18.83 -0.79 -5.66
CA ILE B 416 -18.66 -2.20 -5.99
C ILE B 416 -17.18 -2.58 -5.96
N VAL B 417 -16.32 -1.72 -6.47
CA VAL B 417 -14.89 -2.04 -6.56
C VAL B 417 -14.25 -2.06 -5.17
N TYR B 418 -14.75 -1.25 -4.23
CA TYR B 418 -14.15 -1.17 -2.90
C TYR B 418 -14.97 -1.86 -1.82
N GLY B 419 -16.23 -2.19 -2.07
CA GLY B 419 -17.04 -2.86 -1.07
C GLY B 419 -17.51 -1.95 0.03
N ILE B 420 -17.74 -0.67 -0.28
CA ILE B 420 -18.17 0.25 0.77
C ILE B 420 -19.64 -0.01 1.11
N SER B 421 -20.03 0.46 2.27
CA SER B 421 -21.38 0.20 2.73
C SER B 421 -22.40 1.04 1.97
N ASP B 422 -23.66 0.74 2.24
CA ASP B 422 -24.68 1.58 1.70
C ASP B 422 -24.65 2.96 2.38
N TYR B 423 -24.33 3.08 3.65
CA TYR B 423 -24.14 4.42 4.22
C TYR B 423 -23.01 5.13 3.52
N GLY B 424 -21.92 4.40 3.20
CA GLY B 424 -20.84 5.00 2.46
C GLY B 424 -21.29 5.54 1.11
N LEU B 425 -22.04 4.72 0.36
CA LEU B 425 -22.43 5.13 -0.98
C LEU B 425 -23.45 6.26 -0.93
N ALA B 426 -24.45 6.14 -0.06
CA ALA B 426 -25.39 7.23 0.16
C ALA B 426 -24.67 8.52 0.49
N GLN B 427 -23.64 8.44 1.34
CA GLN B 427 -22.92 9.64 1.76
C GLN B 427 -22.29 10.34 0.57
N ASN B 428 -21.30 9.72 -0.07
CA ASN B 428 -20.63 10.48 -1.12
C ASN B 428 -21.53 10.72 -2.34
N LEU B 429 -22.74 10.17 -2.37
CA LEU B 429 -23.73 10.55 -3.38
C LEU B 429 -24.77 11.53 -2.85
N ASN B 430 -24.65 11.92 -1.58
CA ASN B 430 -25.63 12.74 -0.88
C ASN B 430 -27.06 12.32 -1.20
N ILE B 431 -27.35 11.04 -1.02
CA ILE B 431 -28.71 10.53 -1.08
C ILE B 431 -28.96 9.75 0.20
N SER B 432 -30.18 9.24 0.34
CA SER B 432 -30.53 8.42 1.49
C SER B 432 -29.97 7.00 1.33
N ARG B 433 -29.69 6.36 2.47
CA ARG B 433 -29.29 4.96 2.45
C ARG B 433 -30.25 4.12 1.62
N LYS B 434 -31.55 4.36 1.78
CA LYS B 434 -32.57 3.63 1.04
C LYS B 434 -32.40 3.82 -0.47
N GLU B 435 -32.14 5.05 -0.90
CA GLU B 435 -31.94 5.32 -2.33
C GLU B 435 -30.66 4.67 -2.83
N ALA B 436 -29.61 4.67 -2.01
CA ALA B 436 -28.36 4.02 -2.41
C ALA B 436 -28.58 2.52 -2.61
N ALA B 437 -29.37 1.89 -1.73
CA ALA B 437 -29.63 0.45 -1.86
C ALA B 437 -30.42 0.16 -3.13
N GLU B 438 -31.37 1.03 -3.49
CA GLU B 438 -32.09 0.84 -4.73
C GLU B 438 -31.17 0.91 -5.95
N PHE B 439 -30.14 1.76 -5.91
CA PHE B 439 -29.18 1.80 -7.03
C PHE B 439 -28.46 0.47 -7.16
N ILE B 440 -27.95 -0.04 -6.04
CA ILE B 440 -27.31 -1.36 -6.01
C ILE B 440 -28.26 -2.42 -6.57
N GLU B 441 -29.54 -2.34 -6.20
CA GLU B 441 -30.55 -3.24 -6.73
C GLU B 441 -30.64 -3.15 -8.25
N ARG B 442 -30.70 -1.93 -8.79
CA ARG B 442 -30.77 -1.79 -10.24
C ARG B 442 -29.49 -2.30 -10.90
N TYR B 443 -28.36 -2.18 -10.21
CA TYR B 443 -27.12 -2.74 -10.75
C TYR B 443 -27.23 -4.25 -10.90
N PHE B 444 -27.61 -4.94 -9.83
CA PHE B 444 -27.70 -6.39 -9.89
C PHE B 444 -28.69 -6.85 -10.95
N GLU B 445 -29.69 -6.02 -11.28
CA GLU B 445 -30.65 -6.38 -12.33
C GLU B 445 -30.02 -6.23 -13.72
N SER B 446 -29.17 -5.22 -13.91
CA SER B 446 -28.47 -5.09 -15.18
C SER B 446 -27.30 -6.06 -15.29
N PHE B 447 -26.73 -6.49 -14.16
CA PHE B 447 -25.59 -7.39 -14.15
C PHE B 447 -25.92 -8.61 -13.29
N PRO B 448 -26.78 -9.51 -13.79
CA PRO B 448 -27.21 -10.64 -12.96
C PRO B 448 -26.11 -11.62 -12.66
N GLY B 449 -25.06 -11.68 -13.48
CA GLY B 449 -23.91 -12.52 -13.14
C GLY B 449 -23.19 -12.01 -11.91
N VAL B 450 -23.09 -10.68 -11.77
CA VAL B 450 -22.48 -10.11 -10.58
C VAL B 450 -23.31 -10.41 -9.35
N LYS B 451 -24.63 -10.31 -9.49
CA LYS B 451 -25.53 -10.66 -8.38
C LYS B 451 -25.34 -12.11 -7.97
N ARG B 452 -25.34 -13.03 -8.94
CA ARG B 452 -25.09 -14.45 -8.64
C ARG B 452 -23.75 -14.63 -7.93
N TYR B 453 -22.73 -13.91 -8.38
CA TYR B 453 -21.40 -14.03 -7.78
C TYR B 453 -21.40 -13.53 -6.34
N MET B 454 -22.03 -12.37 -6.10
CA MET B 454 -22.11 -11.85 -4.74
C MET B 454 -22.78 -12.86 -3.81
N GLU B 455 -23.90 -13.43 -4.27
CA GLU B 455 -24.62 -14.43 -3.47
C GLU B 455 -23.74 -15.65 -3.21
N ASN B 456 -23.07 -16.16 -4.25
CA ASN B 456 -22.31 -17.39 -4.12
C ASN B 456 -21.08 -17.20 -3.25
N ILE B 457 -20.41 -16.05 -3.37
CA ILE B 457 -19.16 -15.83 -2.63
C ILE B 457 -19.45 -15.60 -1.16
N VAL B 458 -20.60 -14.98 -0.84
CA VAL B 458 -20.99 -14.85 0.56
C VAL B 458 -21.27 -16.23 1.15
N GLN B 459 -21.97 -17.08 0.40
CA GLN B 459 -22.19 -18.46 0.85
C GLN B 459 -20.87 -19.22 0.97
N GLU B 460 -19.96 -19.02 0.01
CA GLU B 460 -18.65 -19.66 0.12
C GLU B 460 -17.89 -19.21 1.35
N ALA B 461 -17.95 -17.90 1.65
CA ALA B 461 -17.26 -17.38 2.83
C ALA B 461 -17.83 -17.98 4.11
N LYS B 462 -19.15 -18.08 4.19
CA LYS B 462 -19.79 -18.70 5.35
C LYS B 462 -19.39 -20.17 5.48
N GLN B 463 -19.32 -20.88 4.35
CA GLN B 463 -19.04 -22.32 4.38
C GLN B 463 -17.58 -22.59 4.72
N LYS B 464 -16.65 -21.94 4.02
CA LYS B 464 -15.23 -22.23 4.20
C LYS B 464 -14.60 -21.43 5.32
N GLY B 465 -15.19 -20.30 5.68
CA GLY B 465 -14.58 -19.41 6.64
C GLY B 465 -13.69 -18.36 6.05
N TYR B 466 -13.45 -18.38 4.73
CA TYR B 466 -12.56 -17.43 4.07
C TYR B 466 -12.95 -17.32 2.60
N VAL B 467 -12.36 -16.33 1.92
CA VAL B 467 -12.42 -16.22 0.47
C VAL B 467 -10.99 -16.11 -0.04
N THR B 468 -10.84 -16.36 -1.35
CA THR B 468 -9.54 -16.43 -1.98
C THR B 468 -9.49 -15.57 -3.24
N THR B 469 -8.28 -15.20 -3.63
CA THR B 469 -8.04 -14.44 -4.84
C THR B 469 -7.59 -15.37 -5.96
N LEU B 470 -7.43 -14.79 -7.16
CA LEU B 470 -6.99 -15.56 -8.32
C LEU B 470 -5.68 -16.29 -8.06
N LEU B 471 -4.76 -15.69 -7.32
CA LEU B 471 -3.48 -16.35 -7.04
C LEU B 471 -3.43 -16.96 -5.62
N HIS B 472 -4.59 -17.19 -5.00
CA HIS B 472 -4.73 -18.00 -3.78
C HIS B 472 -4.35 -17.24 -2.51
N ARG B 473 -4.34 -15.92 -2.56
CA ARG B 473 -4.34 -15.14 -1.33
C ARG B 473 -5.65 -15.39 -0.60
N ARG B 474 -5.59 -15.32 0.72
CA ARG B 474 -6.69 -15.75 1.58
C ARG B 474 -7.07 -14.62 2.52
N ARG B 475 -8.37 -14.47 2.79
CA ARG B 475 -8.82 -13.58 3.84
C ARG B 475 -9.89 -14.30 4.65
N TYR B 476 -9.67 -14.41 5.95
CA TYR B 476 -10.60 -15.10 6.83
C TYR B 476 -11.65 -14.10 7.31
N LEU B 477 -12.90 -14.55 7.38
CA LEU B 477 -14.03 -13.68 7.70
C LEU B 477 -14.86 -14.34 8.79
N PRO B 478 -14.33 -14.40 10.01
CA PRO B 478 -15.12 -14.98 11.12
C PRO B 478 -16.38 -14.19 11.44
N ASP B 479 -16.45 -12.90 11.08
CA ASP B 479 -17.61 -12.08 11.40
C ASP B 479 -18.78 -12.32 10.44
N ILE B 480 -18.63 -13.20 9.46
CA ILE B 480 -19.69 -13.40 8.48
C ILE B 480 -20.94 -14.02 9.08
N THR B 481 -20.85 -14.64 10.27
CA THR B 481 -22.01 -15.17 10.98
C THR B 481 -22.44 -14.30 12.15
N SER B 482 -21.93 -13.09 12.26
CA SER B 482 -22.25 -12.23 13.40
C SER B 482 -23.73 -11.89 13.41
N ARG B 483 -24.29 -11.76 14.62
CA ARG B 483 -25.68 -11.32 14.70
C ARG B 483 -25.81 -9.80 14.79
N ASN B 484 -24.69 -9.08 14.87
CA ASN B 484 -24.70 -7.63 14.64
C ASN B 484 -24.83 -7.38 13.15
N PHE B 485 -25.91 -6.70 12.75
CA PHE B 485 -26.18 -6.52 11.33
C PHE B 485 -25.06 -5.76 10.63
N ASN B 486 -24.57 -4.68 11.23
CA ASN B 486 -23.52 -3.89 10.59
C ASN B 486 -22.23 -4.71 10.44
N VAL B 487 -21.84 -5.41 11.51
CA VAL B 487 -20.60 -6.19 11.48
C VAL B 487 -20.70 -7.29 10.44
N ARG B 488 -21.82 -8.00 10.42
CA ARG B 488 -22.04 -9.06 9.44
C ARG B 488 -22.06 -8.51 8.02
N SER B 489 -22.79 -7.41 7.80
CA SER B 489 -22.80 -6.82 6.47
C SER B 489 -21.39 -6.42 6.04
N PHE B 490 -20.58 -5.92 6.97
CA PHE B 490 -19.20 -5.59 6.63
C PHE B 490 -18.43 -6.82 6.17
N ALA B 491 -18.57 -7.93 6.91
CA ALA B 491 -17.90 -9.16 6.52
C ALA B 491 -18.40 -9.68 5.19
N GLU B 492 -19.69 -9.53 4.90
CA GLU B 492 -20.22 -9.95 3.60
C GLU B 492 -19.62 -9.11 2.47
N ARG B 493 -19.55 -7.79 2.67
CA ARG B 493 -18.96 -6.95 1.63
C ARG B 493 -17.50 -7.30 1.43
N MET B 494 -16.80 -7.67 2.50
CA MET B 494 -15.39 -8.06 2.35
C MET B 494 -15.26 -9.39 1.62
N ALA B 495 -16.23 -10.27 1.80
CA ALA B 495 -16.22 -11.52 1.04
C ALA B 495 -16.37 -11.26 -0.44
N MET B 496 -17.26 -10.32 -0.81
CA MET B 496 -17.41 -9.93 -2.20
C MET B 496 -16.16 -9.23 -2.71
N ASN B 497 -15.63 -8.29 -1.92
CA ASN B 497 -14.60 -7.38 -2.42
C ASN B 497 -13.22 -8.03 -2.51
N THR B 498 -12.91 -8.97 -1.64
CA THR B 498 -11.54 -9.41 -1.57
C THR B 498 -11.10 -10.17 -2.83
N PRO B 499 -11.91 -11.08 -3.38
CA PRO B 499 -11.54 -11.66 -4.69
C PRO B 499 -11.38 -10.62 -5.79
N ILE B 500 -12.00 -9.45 -5.65
CA ILE B 500 -11.92 -8.39 -6.66
C ILE B 500 -10.65 -7.57 -6.45
N GLN B 501 -10.59 -6.82 -5.35
CA GLN B 501 -9.43 -5.96 -5.09
C GLN B 501 -8.17 -6.79 -4.87
N GLY B 502 -8.31 -7.96 -4.26
CA GLY B 502 -7.15 -8.79 -3.96
C GLY B 502 -6.55 -9.44 -5.20
N SER B 503 -7.40 -9.89 -6.14
CA SER B 503 -6.89 -10.41 -7.41
C SER B 503 -6.21 -9.32 -8.23
N ALA B 504 -6.74 -8.08 -8.19
CA ALA B 504 -6.09 -6.97 -8.90
C ALA B 504 -4.72 -6.69 -8.31
N ALA B 505 -4.60 -6.82 -6.99
CA ALA B 505 -3.31 -6.73 -6.33
C ALA B 505 -2.39 -7.86 -6.76
N ASP B 506 -2.89 -9.11 -6.75
CA ASP B 506 -2.10 -10.23 -7.25
C ASP B 506 -1.54 -9.93 -8.64
N ILE B 507 -2.40 -9.40 -9.53
CA ILE B 507 -2.03 -9.22 -10.93
C ILE B 507 -0.92 -8.19 -11.07
N ILE B 508 -1.05 -7.04 -10.40
CA ILE B 508 0.00 -6.05 -10.61
C ILE B 508 1.31 -6.49 -9.93
N LYS B 509 1.23 -7.25 -8.85
CA LYS B 509 2.46 -7.74 -8.26
C LYS B 509 3.17 -8.69 -9.21
N LYS B 510 2.42 -9.56 -9.89
CA LYS B 510 3.04 -10.41 -10.91
C LYS B 510 3.59 -9.57 -12.06
N ALA B 511 2.85 -8.55 -12.48
CA ALA B 511 3.31 -7.67 -13.54
C ALA B 511 4.63 -7.02 -13.17
N MET B 512 4.80 -6.64 -11.90
CA MET B 512 6.06 -6.04 -11.46
C MET B 512 7.21 -7.03 -11.59
N ILE B 513 6.97 -8.30 -11.22
CA ILE B 513 7.99 -9.32 -11.34
C ILE B 513 8.34 -9.55 -12.80
N ASP B 514 7.32 -9.67 -13.66
CA ASP B 514 7.55 -9.84 -15.09
C ASP B 514 8.26 -8.64 -15.69
N LEU B 515 7.87 -7.43 -15.29
CA LEU B 515 8.48 -6.22 -15.86
C LEU B 515 9.95 -6.13 -15.49
N ASN B 516 10.27 -6.37 -14.21
CA ASN B 516 11.66 -6.33 -13.77
C ASN B 516 12.52 -7.30 -14.58
N ALA B 517 12.00 -8.50 -14.83
CA ALA B 517 12.74 -9.48 -15.61
C ALA B 517 12.84 -9.05 -17.07
N ARG B 518 11.78 -8.45 -17.62
CA ARG B 518 11.81 -8.05 -19.03
C ARG B 518 12.76 -6.88 -19.26
N LEU B 519 12.74 -5.90 -18.35
CA LEU B 519 13.66 -4.78 -18.43
C LEU B 519 15.12 -5.26 -18.49
N LYS B 520 15.47 -6.24 -17.68
CA LYS B 520 16.84 -6.76 -17.67
C LYS B 520 17.14 -7.50 -18.97
N GLU B 521 16.22 -8.36 -19.39
CA GLU B 521 16.31 -9.04 -20.69
C GLU B 521 16.59 -8.06 -21.82
N GLU B 522 15.80 -6.98 -21.90
CA GLU B 522 15.92 -6.06 -23.01
C GLU B 522 17.06 -5.05 -22.84
N ARG B 523 17.85 -5.17 -21.77
CA ARG B 523 19.02 -4.31 -21.54
C ARG B 523 18.64 -2.84 -21.41
N LEU B 524 17.45 -2.57 -20.87
CA LEU B 524 17.03 -1.20 -20.61
C LEU B 524 17.58 -0.70 -19.28
N GLN B 525 17.89 0.59 -19.22
CA GLN B 525 18.24 1.22 -17.94
C GLN B 525 17.00 1.63 -17.14
N ALA B 526 15.83 1.63 -17.75
CA ALA B 526 14.61 2.02 -17.03
C ALA B 526 14.50 1.28 -15.71
N ARG B 527 13.96 1.95 -14.72
CA ARG B 527 13.72 1.29 -13.49
C ARG B 527 12.43 1.68 -12.79
N LEU B 528 11.85 0.70 -12.13
CA LEU B 528 10.65 0.91 -11.33
C LEU B 528 10.98 1.79 -10.14
N LEU B 529 10.08 2.74 -9.87
CA LEU B 529 10.19 3.63 -8.72
C LEU B 529 9.05 3.47 -7.74
N LEU B 530 7.81 3.43 -8.22
CA LEU B 530 6.63 3.40 -7.35
C LEU B 530 5.58 2.45 -7.91
N GLN B 531 4.77 1.91 -7.00
CA GLN B 531 3.53 1.23 -7.36
C GLN B 531 2.42 1.95 -6.61
N VAL B 532 1.31 2.27 -7.30
CA VAL B 532 0.16 2.91 -6.67
C VAL B 532 -1.10 2.11 -6.98
N HIS B 533 -1.15 0.88 -6.46
CA HIS B 533 -2.31 -0.01 -6.49
C HIS B 533 -2.64 -0.54 -7.88
N ASP B 534 -2.89 0.34 -8.86
CA ASP B 534 -3.13 -0.12 -10.22
C ASP B 534 -2.21 0.57 -11.21
N GLU B 535 -1.13 1.14 -10.72
CA GLU B 535 -0.27 2.00 -11.54
C GLU B 535 1.17 1.71 -11.17
N LEU B 536 2.07 1.81 -12.17
CA LEU B 536 3.50 1.63 -11.97
C LEU B 536 4.20 2.89 -12.47
N ILE B 537 5.08 3.46 -11.65
CA ILE B 537 5.84 4.64 -12.05
C ILE B 537 7.31 4.25 -12.23
N LEU B 538 7.88 4.62 -13.37
CA LEU B 538 9.26 4.32 -13.71
C LEU B 538 9.98 5.60 -14.11
N GLU B 539 11.31 5.55 -14.10
CA GLU B 539 12.13 6.58 -14.75
C GLU B 539 13.13 5.90 -15.65
N ALA B 540 13.55 6.61 -16.70
CA ALA B 540 14.36 6.02 -17.76
C ALA B 540 15.01 7.14 -18.56
N PRO B 541 16.16 6.89 -19.18
CA PRO B 541 16.69 7.84 -20.16
C PRO B 541 15.60 8.19 -21.18
N LYS B 542 15.62 9.44 -21.64
CA LYS B 542 14.61 9.86 -22.62
C LYS B 542 14.68 9.01 -23.88
N GLU B 543 15.86 8.52 -24.25
CA GLU B 543 16.00 7.66 -25.42
C GLU B 543 15.26 6.34 -25.29
N GLU B 544 14.77 5.97 -24.10
CA GLU B 544 14.08 4.69 -23.90
C GLU B 544 12.57 4.81 -23.91
N MET B 545 12.02 6.02 -24.02
CA MET B 545 10.57 6.18 -23.88
C MET B 545 9.82 5.38 -24.93
N GLU B 546 10.33 5.37 -26.17
CA GLU B 546 9.58 4.71 -27.24
C GLU B 546 9.52 3.21 -27.01
N ARG B 547 10.62 2.61 -26.54
CA ARG B 547 10.59 1.20 -26.16
C ARG B 547 9.64 0.97 -24.99
N LEU B 548 9.67 1.83 -23.99
CA LEU B 548 8.78 1.60 -22.85
C LEU B 548 7.32 1.72 -23.22
N CYS B 549 6.98 2.60 -24.18
CA CYS B 549 5.59 2.71 -24.63
C CYS B 549 5.07 1.38 -25.18
N ARG B 550 5.94 0.58 -25.76
CA ARG B 550 5.53 -0.73 -26.26
C ARG B 550 5.66 -1.82 -25.20
N LEU B 551 6.77 -1.80 -24.47
CA LEU B 551 7.08 -2.90 -23.55
C LEU B 551 6.18 -2.88 -22.32
N VAL B 552 6.11 -1.75 -21.62
CA VAL B 552 5.46 -1.74 -20.30
C VAL B 552 3.98 -2.14 -20.39
N PRO B 553 3.16 -1.53 -21.25
CA PRO B 553 1.75 -1.97 -21.29
C PRO B 553 1.60 -3.43 -21.66
N GLU B 554 2.43 -3.94 -22.57
CA GLU B 554 2.31 -5.34 -22.97
C GLU B 554 2.60 -6.28 -21.80
N VAL B 555 3.68 -6.01 -21.06
CA VAL B 555 4.02 -6.85 -19.90
C VAL B 555 2.90 -6.79 -18.85
N MET B 556 2.40 -5.59 -18.57
CA MET B 556 1.33 -5.48 -17.58
C MET B 556 0.06 -6.14 -18.07
N GLU B 557 -0.27 -5.98 -19.36
CA GLU B 557 -1.49 -6.57 -19.88
C GLU B 557 -1.41 -8.08 -19.97
N GLN B 558 -0.22 -8.65 -20.17
CA GLN B 558 -0.06 -10.09 -20.32
C GLN B 558 0.25 -10.79 -19.01
N ALA B 559 0.23 -10.09 -17.87
CA ALA B 559 0.62 -10.70 -16.60
C ALA B 559 -0.26 -11.89 -16.24
N VAL B 560 -1.56 -11.82 -16.51
CA VAL B 560 -2.47 -12.97 -16.40
C VAL B 560 -3.37 -13.01 -17.62
N THR B 561 -4.03 -14.14 -17.80
CA THR B 561 -5.04 -14.31 -18.84
C THR B 561 -6.42 -14.42 -18.20
N LEU B 562 -7.30 -13.50 -18.55
CA LEU B 562 -8.67 -13.48 -18.07
C LEU B 562 -9.62 -13.69 -19.24
N ARG B 563 -10.91 -13.82 -18.92
CA ARG B 563 -11.97 -13.88 -19.92
C ARG B 563 -12.17 -12.56 -20.64
N VAL B 564 -11.61 -11.47 -20.13
CA VAL B 564 -11.65 -10.18 -20.79
C VAL B 564 -10.21 -9.71 -20.94
N PRO B 565 -9.96 -8.82 -21.90
CA PRO B 565 -8.60 -8.26 -22.01
C PRO B 565 -8.30 -7.39 -20.81
N LEU B 566 -7.01 -7.25 -20.53
CA LEU B 566 -6.58 -6.17 -19.65
C LEU B 566 -6.07 -5.04 -20.54
N LYS B 567 -6.16 -3.82 -20.03
CA LYS B 567 -5.80 -2.65 -20.83
C LYS B 567 -4.99 -1.71 -19.96
N VAL B 568 -3.87 -1.22 -20.49
CA VAL B 568 -2.99 -0.35 -19.75
C VAL B 568 -2.79 0.94 -20.54
N ASP B 569 -3.04 2.07 -19.90
CA ASP B 569 -2.73 3.38 -20.46
C ASP B 569 -1.39 3.85 -19.92
N TYR B 570 -0.76 4.78 -20.63
CA TYR B 570 0.58 5.19 -20.23
C TYR B 570 0.86 6.61 -20.71
N HIS B 571 1.73 7.31 -19.96
CA HIS B 571 2.15 8.66 -20.28
C HIS B 571 3.57 8.87 -19.74
N TYR B 572 4.25 9.88 -20.30
CA TYR B 572 5.59 10.18 -19.79
C TYR B 572 5.84 11.68 -19.93
N GLY B 573 6.82 12.17 -19.16
CA GLY B 573 7.17 13.58 -19.25
C GLY B 573 8.28 13.94 -18.29
N SER B 574 8.57 15.25 -18.22
CA SER B 574 9.73 15.73 -17.48
C SER B 574 9.55 15.64 -15.97
N THR B 575 8.32 15.58 -15.48
CA THR B 575 8.04 15.38 -14.07
C THR B 575 6.87 14.40 -13.96
N TRP B 576 6.62 13.94 -12.74
CA TRP B 576 5.45 13.11 -12.49
C TRP B 576 4.17 13.83 -12.93
N TYR B 577 4.10 15.13 -12.68
CA TYR B 577 2.93 15.92 -13.07
C TYR B 577 2.69 15.81 -14.58
N ASP B 578 3.76 15.88 -15.37
CA ASP B 578 3.67 15.85 -16.82
C ASP B 578 3.38 14.46 -17.35
N ALA B 579 3.59 13.42 -16.54
CA ALA B 579 3.32 12.05 -16.98
C ALA B 579 1.81 11.80 -16.96
N LYS B 580 1.09 12.65 -17.70
CA LYS B 580 -0.37 12.63 -17.75
C LYS B 580 -0.89 12.74 -19.17
C1' TG C 1 -22.34 1.81 10.31
C2 TG C 1 -26.49 2.70 11.08
C2' TG C 1 -21.03 1.89 9.64
C3' TG C 1 -20.09 2.14 10.72
C4 TG C 1 -24.28 3.11 10.37
C4' TG C 1 -20.66 1.46 11.99
C5 TG C 1 -24.64 4.48 10.00
C6 TG C 1 -25.99 4.90 10.21
C8 TG C 1 -22.53 4.05 9.60
N1 TG C 1 -26.90 4.04 10.73
N2 TG C 1 -27.50 1.81 11.63
N3 TG C 1 -25.21 2.18 10.92
N7 TG C 1 -23.32 5.13 9.44
N9 TG C 1 -23.08 3.04 10.08
O1P TG C 1 -18.54 5.54 10.97
O2' TG C 1 -20.81 0.82 9.19
O2P TG C 1 -17.64 3.42 11.78
O3' TG C 1 -20.04 3.56 10.92
O4' TG C 1 -22.15 1.55 11.74
O6 TG C 1 -26.36 6.21 9.87
P TG C 1 -18.84 4.29 11.70
P TFT C 2 -19.99 1.28 7.90
OP1 TFT C 2 -20.35 2.23 6.82
OP2 TFT C 2 -20.22 -0.12 7.47
O3T TFT C 2 -18.46 1.50 8.33
N1 TFT C 2 -16.24 -0.91 8.95
C6 TFT C 2 -17.64 -1.16 9.33
C2 TFT C 2 -15.18 -1.81 9.48
O2 TFT C 2 -14.03 -1.63 9.20
N3 TFT C 2 -15.52 -2.92 10.33
C4 TFT C 2 -16.88 -3.15 10.68
O4 TFT C 2 -17.16 -4.09 11.39
C5 TFT C 2 -17.98 -2.21 10.14
C5M TFT C 2 -19.49 -2.44 10.50
C2T TFT C 2 -16.87 0.44 7.04
C4T TFT C 2 -16.28 2.54 7.97
O4T TFT C 2 -15.74 1.42 8.94
C1T TFT C 2 -15.89 0.21 8.08
C3T TFT C 2 -17.44 1.66 7.33
O2T TFT C 2 -16.29 0.58 5.97
P FA2 C 3 -16.78 0.41 4.45
OP1 FA2 C 3 -17.84 1.32 3.95
OP2 FA2 C 3 -17.28 -0.98 4.38
O3' FA2 C 3 -15.49 0.56 3.48
N9 FA2 C 3 -12.67 1.75 2.12
C4 FA2 C 3 -11.71 2.18 1.17
N3 FA2 C 3 -10.48 1.72 0.45
C2 FA2 C 3 -10.06 2.88 -0.44
N1 FA2 C 3 -10.73 4.02 -0.50
C6 FA2 C 3 -11.65 4.33 0.07
N6 FA2 C 3 -12.09 5.69 -0.25
C5 FA2 C 3 -12.18 3.60 0.84
N7 FA2 C 3 -13.35 3.65 1.72
C8 FA2 C 3 -13.55 2.62 2.37
C2' FA2 C 3 -13.24 0.14 3.98
C4' FA2 C 3 -14.36 -1.05 2.17
O4' FA2 C 3 -13.00 -0.57 1.70
C1' FA2 C 3 -12.53 0.40 2.70
C3' FA2 C 3 -14.50 -0.46 3.57
O2' FA2 C 3 -12.62 -0.69 4.59
C1' TC C 4 -8.19 0.87 3.69
C2 TC C 4 -8.25 3.01 2.56
C2' TC C 4 -8.07 0.32 5.08
C3' TC C 4 -9.13 -0.63 5.20
C4 TC C 4 -9.86 4.74 3.09
C4' TC C 4 -9.35 -1.19 3.82
C5 TC C 4 -10.40 3.89 4.12
C6 TC C 4 -9.85 2.62 4.33
N1 TC C 4 -8.76 2.17 3.56
N3 TC C 4 -8.81 4.32 2.34
N4 TC C 4 -10.40 6.05 2.85
O1P TC C 4 -12.36 0.11 6.96
O2 TC C 4 -7.21 2.60 1.75
O2' TC C 4 -7.01 -0.28 5.14
O2P TC C 4 -11.41 -2.07 6.44
O3' TC C 4 -10.33 0.03 5.61
O4' TC C 4 -9.16 -0.01 2.89
P TC C 4 -11.71 -0.72 5.92
C1' TG C 5 -3.93 2.68 4.55
C2 TG C 5 -5.22 6.41 2.81
C2' TG C 5 -3.16 2.04 5.66
C3' TG C 5 -3.67 0.68 5.67
C4 TG C 5 -5.28 4.59 4.31
C4' TG C 5 -3.98 0.32 4.21
C5 TG C 5 -6.45 5.17 4.95
C6 TG C 5 -6.96 6.42 4.45
C8 TG C 5 -5.81 3.27 5.88
N1 TG C 5 -6.37 7.04 3.40
N2 TG C 5 -4.59 7.07 1.68
N3 TG C 5 -4.66 5.22 3.21
N7 TG C 5 -6.80 4.17 6.09
N9 TG C 5 -5.03 3.54 4.95
O1P TG C 5 -6.78 -0.56 7.53
O2' TG C 5 -1.96 2.00 5.41
O2P TG C 5 -5.34 -1.90 6.14
O3' TG C 5 -4.91 0.63 6.40
O4' TG C 5 -4.50 1.64 3.70
O6 TG C 5 -8.07 7.03 5.02
P TG C 5 -5.94 -0.58 6.31
P TFT C 6 -0.85 2.38 6.53
OP1 TFT C 6 -1.30 1.83 7.82
OP2 TFT C 6 0.49 1.83 6.14
O3T TFT C 6 -0.76 3.97 6.76
N1 TFT C 6 -2.75 6.69 6.16
C6 TFT C 6 -3.14 5.70 7.20
C2 TFT C 6 -3.66 7.82 5.87
O2 TFT C 6 -3.37 8.63 5.03
N3 TFT C 6 -4.89 7.95 6.58
C4 TFT C 6 -5.25 7.01 7.57
O4 TFT C 6 -6.31 7.12 8.16
C5 TFT C 6 -4.32 5.83 7.88
C5M TFT C 6 -4.74 4.79 8.98
C2T TFT C 6 -0.39 6.19 6.29
C4T TFT C 6 -0.39 4.72 4.42
O4T TFT C 6 -1.75 5.53 4.39
C1T TFT C 6 -1.51 6.56 5.42
C3T TFT C 6 -0.04 4.90 5.95
O2T TFT C 6 0.55 6.90 5.98
C1' TG C 7 -0.87 10.90 7.69
C2 TG C 7 -4.90 12.11 8.57
C2' TG C 7 0.49 10.86 8.25
C3' TG C 7 1.27 10.06 7.32
C4 TG C 7 -3.02 10.69 8.61
C4' TG C 7 0.61 10.15 5.93
C5 TG C 7 -3.78 9.72 9.39
C6 TG C 7 -5.16 10.03 9.74
C8 TG C 7 -1.71 9.05 8.96
N1 TG C 7 -5.69 11.20 9.34
N2 TG C 7 -5.53 13.35 8.19
N3 TG C 7 -3.56 11.91 8.19
N7 TG C 7 -2.78 8.53 9.63
N9 TG C 7 -1.90 10.18 8.46
O1P TG C 7 2.11 6.37 7.73
O2' TG C 7 0.95 11.98 8.24
O2P TG C 7 2.99 7.84 5.99
O3' TG C 7 1.28 8.69 7.75
O4' TG C 7 -0.84 10.33 6.33
O6 TG C 7 -5.97 9.17 10.49
P TG C 7 1.81 7.49 6.82
P FA2 C 8 1.97 12.89 9.08
OP1 FA2 C 8 2.85 13.70 8.21
OP2 FA2 C 8 2.76 11.81 9.71
O3' FA2 C 8 1.35 13.82 10.22
N9 FA2 C 8 -2.04 13.93 10.95
C4 FA2 C 8 -3.40 13.81 11.32
N3 FA2 C 8 -4.75 14.51 11.33
C2 FA2 C 8 -5.73 13.54 12.00
N1 FA2 C 8 -5.31 12.35 12.46
C6 FA2 C 8 -4.27 11.88 12.43
N6 FA2 C 8 -4.07 10.54 13.00
C5 FA2 C 8 -3.36 12.43 11.96
N7 FA2 C 8 -1.96 12.07 11.78
C8 FA2 C 8 -1.32 12.94 11.22
C2' FA2 C 8 -0.22 15.45 10.86
C4' FA2 C 8 0.12 15.02 8.52
O4' FA2 C 8 -1.36 14.81 8.83
C1' FA2 C 8 -1.52 15.09 10.29
C3' FA2 C 8 0.78 15.10 9.89
O2' FA2 C 8 -0.19 16.62 11.00
P TFT C 9 0.35 17.73 11.51
OP1 TFT C 9 0.63 18.95 10.74
OP2 TFT C 9 1.68 17.27 12.00
O3T TFT C 9 -0.46 18.18 12.81
N1 TFT C 9 -3.17 16.38 14.07
C6 TFT C 9 -1.82 15.75 14.01
C2 TFT C 9 -4.32 15.59 14.58
O2 TFT C 9 -5.42 16.07 14.62
N3 TFT C 9 -4.13 14.25 15.04
C4 TFT C 9 -2.83 13.67 15.00
O4 TFT C 9 -2.67 12.53 15.38
C5 TFT C 9 -1.64 14.47 14.45
C5M TFT C 9 -0.23 13.81 14.42
C2T TFT C 9 -2.41 18.73 13.89
C4T TFT C 9 -2.50 18.59 11.48
O4T TFT C 9 -3.46 17.50 12.08
C1T TFT C 9 -3.40 17.73 13.56
C3T TFT C 9 -1.65 18.95 12.76
O2T TFT C 9 -2.97 19.78 14.11
C1' TC C 10 -5.78 18.32 18.20
C2 TC C 10 -5.28 15.98 18.51
C2' TC C 10 -5.17 19.67 18.16
C3' TC C 10 -5.07 20.03 16.79
C4 TC C 10 -3.03 15.09 18.25
C4' TC C 10 -5.83 19.04 15.96
C5 TC C 10 -2.56 16.41 17.93
C6 TC C 10 -3.47 17.47 17.92
N1 TC C 10 -4.84 17.27 18.22
N3 TC C 10 -4.35 14.89 18.52
N4 TC C 10 -2.10 13.98 18.26
O1P TC C 10 -1.65 21.22 15.78
O2 TC C 10 -6.63 15.77 18.81
O2' TC C 10 -5.89 20.46 18.66
O2P TC C 10 -3.75 22.08 15.09
O3' TC C 10 -3.67 20.00 16.50
O4' TC C 10 -6.60 18.13 16.91
P TC C 10 -3.00 20.83 15.33
C1' TG C 11 -6.56 17.55 22.74
C2 TG C 11 -5.07 13.46 22.69
C2' TG C 11 -6.71 19.00 22.54
C3' TG C 11 -7.88 19.16 21.70
C4 TG C 11 -5.02 15.82 22.38
C4' TG C 11 -8.64 17.82 21.60
C5 TG C 11 -3.64 15.73 21.89
C6 TG C 11 -3.03 14.42 21.81
C8 TG C 11 -4.36 17.80 21.90
N1 TG C 11 -3.72 13.33 22.20
N2 TG C 11 -5.75 12.25 23.09
N3 TG C 11 -5.76 14.68 22.79
N7 TG C 11 -3.21 17.19 21.54
N9 TG C 11 -5.26 17.04 22.31
O1P TG C 11 -5.46 20.99 20.61
O2' TG C 11 -6.96 19.49 23.60
O2P TG C 11 -7.63 22.02 20.28
O3' TG C 11 -7.53 19.51 20.36
O4' TG C 11 -7.62 16.82 22.04
O6 TG C 11 -1.72 14.29 21.35
P TG C 11 -6.78 20.86 19.93
C1' TC C 12 -5.49 16.60 26.65
C2 TC C 12 -3.59 15.49 25.61
C2' TC C 12 -6.08 17.94 26.87
C3' TC C 12 -7.49 17.73 26.79
C4 TC C 12 -1.79 16.74 24.57
C4' TC C 12 -7.73 16.26 26.67
C5 TC C 12 -2.47 17.95 24.90
C6 TC C 12 -3.69 17.91 25.59
N1 TC C 12 -4.26 16.67 25.94
N3 TC C 12 -2.33 15.54 24.91
N4 TC C 12 -0.52 16.77 23.86
O1P TC C 12 -8.94 20.38 24.49
O2 TC C 12 -4.13 14.25 25.96
O2' TC C 12 -5.83 18.21 28.00
O2P TC C 12 -7.13 20.62 26.06
O3' TC C 12 -8.10 18.33 25.63
O4' TC C 12 -6.52 15.70 25.96
P TC C 12 -7.70 19.76 25.01
P FA2 C 13 -6.20 17.18 29.15
OP1 FA2 C 13 -7.62 17.40 29.52
OP2 FA2 C 13 -5.33 17.59 30.28
O3' FA2 C 13 -5.96 15.65 28.81
N9 FA2 C 13 -1.90 14.78 28.63
C4 FA2 C 13 -0.80 13.98 28.21
N3 FA2 C 13 -0.17 12.62 28.29
C2 FA2 C 13 1.13 12.69 27.47
N1 FA2 C 13 1.50 13.85 26.87
C6 FA2 C 13 0.96 14.86 26.86
N6 FA2 C 13 1.57 15.97 26.13
C5 FA2 C 13 -0.05 15.04 27.42
N7 FA2 C 13 -0.91 16.19 27.56
C8 FA2 C 13 -1.90 15.96 28.23
C2' FA2 C 13 -3.89 15.32 29.84
C4' FA2 C 13 -5.17 13.39 29.14
O4' FA2 C 13 -3.73 13.22 28.69
C1' FA2 C 13 -2.97 14.25 29.44
C3' FA2 C 13 -5.22 14.81 29.70
O2' FA2 C 13 -3.71 15.54 30.99
S SO4 D . -11.17 7.48 10.29
O1 SO4 D . -12.54 7.93 10.51
O2 SO4 D . -10.70 7.98 9.02
O3 SO4 D . -11.13 6.02 10.30
O4 SO4 D . -10.32 7.97 11.38
S SO4 E . 20.10 -27.43 22.44
O1 SO4 E . 19.90 -27.41 20.99
O2 SO4 E . 18.98 -28.13 23.06
O3 SO4 E . 20.19 -26.07 22.97
O4 SO4 E . 21.34 -28.14 22.74
S SO4 F . -13.10 9.42 -15.47
O1 SO4 F . -13.35 8.74 -16.75
O2 SO4 F . -14.36 9.74 -14.81
O3 SO4 F . -12.32 8.53 -14.60
O4 SO4 F . -12.34 10.64 -15.71
S SO4 G . -10.89 9.14 -10.39
O1 SO4 G . -11.78 8.11 -10.92
O2 SO4 G . -11.62 10.37 -10.15
O3 SO4 G . -10.34 8.67 -9.12
O4 SO4 G . -9.83 9.37 -11.36
S SO4 H . 37.91 -21.27 10.09
O1 SO4 H . 37.87 -19.96 9.44
O2 SO4 H . 36.61 -21.91 10.00
O3 SO4 H . 38.91 -22.10 9.44
O4 SO4 H . 38.24 -21.14 11.51
S SO4 I . 20.58 -13.30 -20.64
O1 SO4 I . 19.21 -12.86 -20.85
O2 SO4 I . 20.64 -14.22 -19.51
O3 SO4 I . 21.42 -12.15 -20.37
O4 SO4 I . 21.07 -13.99 -21.84
S SO4 J . 28.05 -26.67 4.82
O1 SO4 J . 27.83 -27.03 6.20
O2 SO4 J . 26.77 -26.34 4.19
O3 SO4 J . 28.67 -27.78 4.11
O4 SO4 J . 28.94 -25.51 4.75
#